data_6XBG
#
_entry.id   6XBG
#
_cell.length_a   55.367
_cell.length_b   98.854
_cell.length_c   59.215
_cell.angle_alpha   90.000
_cell.angle_beta   108.230
_cell.angle_gamma   90.000
#
_symmetry.space_group_name_H-M   'P 1 21 1'
#
loop_
_entity.id
_entity.type
_entity.pdbx_description
1 polymer '3C-like proteinase'
2 polymer 'inhibitor UAW246'
3 non-polymer GLYCEROL
4 non-polymer 'SODIUM ION'
5 water water
#
loop_
_entity_poly.entity_id
_entity_poly.type
_entity_poly.pdbx_seq_one_letter_code
_entity_poly.pdbx_strand_id
1 'polypeptide(L)'
;HMSGFRKMAFPSGKVEGCMVQVTCGTTTLNGLWLDDVVYCPRHVICTSEDMLNPNYEDLLIRKSNHNFLVQAGNVQLRVI
GHSMQNCVLKLKVDTANPKTPKYKFVRIQPGQTFSVLACYNGSPSGVYQCAMRPNFTIKGSFLNGSCGSVGFNIDYDCVS
FCYMHHMELPTGVHAGTDLEGNFYGPFVDRQTAQAAGTDTTITVNVLAWLYAAVINGDRWFLNRFTTTLNDFNLVAMKYN
YEPLTQDHVDILGPLSAQTGIAVLDMCASLKELLQNGMNGRTILGSALLEDEFTPFDVVRQCSGVTFQ
;
A,B
2 'polypeptide(L)' (P6S)L(UZ4)(UZ1) C,E
#
loop_
_chem_comp.id
_chem_comp.type
_chem_comp.name
_chem_comp.formula
GOL non-polymer GLYCEROL 'C3 H8 O3'
NA non-polymer 'SODIUM ION' 'Na 1'
P6S non-polymer 'benzyl hydrogen carbonate' 'C8 H8 O3'
UZ1 non-polymer cyclopropanamine 'C3 H7 N'
#
# COMPACT_ATOMS: atom_id res chain seq x y z
N GLY A 4 13.70 3.96 6.31
CA GLY A 4 13.17 2.81 5.52
C GLY A 4 12.55 3.27 4.21
N PHE A 5 12.13 2.33 3.36
CA PHE A 5 11.63 2.67 2.00
C PHE A 5 10.77 1.58 1.36
N ARG A 6 9.44 1.82 1.28
N ARG A 6 9.46 1.81 1.21
CA ARG A 6 8.37 0.88 0.81
CA ARG A 6 8.56 0.83 0.56
C ARG A 6 7.52 1.56 -0.30
C ARG A 6 7.55 1.55 -0.32
N LYS A 7 6.80 0.78 -1.11
CA LYS A 7 5.76 1.33 -2.01
C LYS A 7 4.68 1.87 -1.09
N MET A 8 4.40 3.15 -1.24
CA MET A 8 3.41 3.83 -0.40
C MET A 8 2.34 4.45 -1.30
N ALA A 9 1.09 4.19 -0.99
CA ALA A 9 -0.06 4.78 -1.68
C ALA A 9 -0.52 6.05 -0.97
N PHE A 10 -1.18 6.91 -1.66
CA PHE A 10 -1.90 8.04 -1.05
C PHE A 10 -3.02 7.51 -0.16
N PRO A 11 -3.29 8.23 0.96
CA PRO A 11 -4.47 7.91 1.76
C PRO A 11 -5.68 7.99 0.82
N SER A 12 -6.57 7.04 0.92
CA SER A 12 -7.66 6.82 -0.05
C SER A 12 -8.97 7.45 0.40
N GLY A 13 -9.11 8.02 1.59
CA GLY A 13 -10.42 8.45 2.08
C GLY A 13 -11.17 9.41 1.15
N LYS A 14 -10.45 10.36 0.55
CA LYS A 14 -11.11 11.36 -0.31
C LYS A 14 -11.72 10.68 -1.54
N VAL A 15 -11.16 9.55 -1.97
CA VAL A 15 -11.72 8.81 -3.14
C VAL A 15 -12.79 7.81 -2.68
N GLU A 16 -12.65 7.18 -1.52
CA GLU A 16 -13.64 6.23 -0.99
C GLU A 16 -15.00 6.93 -0.92
N GLY A 17 -15.02 8.21 -0.54
CA GLY A 17 -16.31 8.90 -0.37
C GLY A 17 -17.00 9.19 -1.69
N CYS A 18 -16.37 8.83 -2.81
CA CYS A 18 -16.92 9.05 -4.16
C CYS A 18 -17.31 7.75 -4.84
N MET A 19 -17.02 6.60 -4.26
CA MET A 19 -17.31 5.33 -4.95
C MET A 19 -18.77 4.95 -4.80
N VAL A 20 -19.38 4.55 -5.90
CA VAL A 20 -20.76 4.03 -5.97
C VAL A 20 -20.78 2.79 -6.85
N GLN A 21 -21.91 2.08 -6.84
CA GLN A 21 -22.18 0.89 -7.68
C GLN A 21 -23.13 1.35 -8.79
N VAL A 22 -22.86 0.95 -10.03
CA VAL A 22 -23.72 1.21 -11.21
C VAL A 22 -24.11 -0.15 -11.81
N THR A 23 -25.42 -0.34 -11.97
CA THR A 23 -25.98 -1.59 -12.53
C THR A 23 -26.80 -1.26 -13.77
N CYS A 24 -26.67 -2.10 -14.79
N CYS A 24 -26.53 -1.99 -14.86
CA CYS A 24 -27.48 -2.03 -16.02
CA CYS A 24 -27.40 -2.11 -16.05
C CYS A 24 -27.70 -3.47 -16.49
C CYS A 24 -27.65 -3.59 -16.27
N GLY A 25 -28.91 -4.01 -16.27
CA GLY A 25 -29.24 -5.43 -16.48
C GLY A 25 -28.57 -6.30 -15.44
N THR A 26 -27.75 -7.25 -15.86
CA THR A 26 -27.02 -8.11 -14.90
C THR A 26 -25.55 -7.69 -14.87
N THR A 27 -25.20 -6.51 -15.42
CA THR A 27 -23.82 -5.93 -15.32
C THR A 27 -23.77 -4.90 -14.17
N THR A 28 -22.98 -5.18 -13.15
CA THR A 28 -22.70 -4.24 -12.04
C THR A 28 -21.21 -3.91 -12.04
N LEU A 29 -20.89 -2.63 -12.00
CA LEU A 29 -19.49 -2.25 -11.74
C LEU A 29 -19.46 -0.95 -10.94
N ASN A 30 -18.25 -0.38 -10.76
CA ASN A 30 -18.05 0.78 -9.90
C ASN A 30 -18.21 2.05 -10.70
N GLY A 31 -18.68 3.13 -10.07
CA GLY A 31 -18.66 4.47 -10.61
C GLY A 31 -18.05 5.45 -9.64
N LEU A 32 -17.71 6.63 -10.12
CA LEU A 32 -17.09 7.75 -9.41
C LEU A 32 -18.09 8.89 -9.37
N TRP A 33 -18.52 9.27 -8.18
CA TRP A 33 -19.59 10.26 -7.96
C TRP A 33 -18.97 11.57 -7.53
N LEU A 34 -18.89 12.55 -8.43
CA LEU A 34 -18.34 13.89 -8.13
C LEU A 34 -19.41 14.90 -8.42
N ASP A 35 -19.75 15.72 -7.42
CA ASP A 35 -20.90 16.67 -7.52
C ASP A 35 -22.10 15.85 -7.96
N ASP A 36 -22.78 16.20 -9.07
CA ASP A 36 -24.02 15.51 -9.44
C ASP A 36 -23.81 14.60 -10.66
N VAL A 37 -22.58 14.10 -10.83
CA VAL A 37 -22.32 13.20 -11.99
C VAL A 37 -21.64 11.91 -11.52
N VAL A 38 -22.04 10.79 -12.07
CA VAL A 38 -21.41 9.46 -11.80
C VAL A 38 -20.67 9.10 -13.11
N TYR A 39 -19.37 8.86 -13.01
CA TYR A 39 -18.53 8.45 -14.15
C TYR A 39 -18.28 6.93 -14.04
N CYS A 40 -18.43 6.19 -15.11
CA CYS A 40 -18.18 4.75 -15.09
C CYS A 40 -17.84 4.21 -16.47
N PRO A 41 -17.29 2.99 -16.59
CA PRO A 41 -16.97 2.44 -17.92
C PRO A 41 -18.27 2.25 -18.71
N ARG A 42 -18.23 2.59 -19.99
CA ARG A 42 -19.48 2.53 -20.79
C ARG A 42 -19.87 1.08 -21.01
N HIS A 43 -19.01 0.06 -20.93
CA HIS A 43 -19.39 -1.35 -21.17
C HIS A 43 -20.37 -1.87 -20.09
N VAL A 44 -20.73 -1.08 -19.10
CA VAL A 44 -21.81 -1.48 -18.14
C VAL A 44 -23.11 -1.71 -18.94
N ILE A 45 -23.24 -1.07 -20.11
CA ILE A 45 -24.50 -1.16 -20.93
C ILE A 45 -24.54 -2.44 -21.76
N CYS A 46 -23.49 -3.25 -21.81
CA CYS A 46 -23.38 -4.45 -22.68
C CYS A 46 -23.86 -5.72 -21.96
N THR A 47 -24.46 -6.67 -22.69
CA THR A 47 -24.63 -8.10 -22.29
C THR A 47 -23.41 -8.92 -22.76
N SER A 48 -23.35 -10.21 -22.41
CA SER A 48 -22.27 -11.15 -22.81
C SER A 48 -22.19 -11.24 -24.34
N GLU A 49 -23.34 -11.15 -25.02
CA GLU A 49 -23.37 -11.19 -26.49
C GLU A 49 -22.83 -9.87 -27.05
N ASP A 50 -23.18 -8.75 -26.42
CA ASP A 50 -22.75 -7.39 -26.84
C ASP A 50 -21.22 -7.25 -26.77
N MET A 51 -20.60 -7.77 -25.71
CA MET A 51 -19.22 -7.38 -25.33
C MET A 51 -18.24 -7.89 -26.40
N LEU A 52 -18.57 -8.89 -27.22
CA LEU A 52 -17.64 -9.40 -28.28
C LEU A 52 -17.39 -8.34 -29.36
N ASN A 53 -18.40 -7.54 -29.71
CA ASN A 53 -18.26 -6.56 -30.83
C ASN A 53 -19.28 -5.42 -30.67
N PRO A 54 -19.13 -4.58 -29.63
CA PRO A 54 -20.17 -3.61 -29.28
C PRO A 54 -20.19 -2.35 -30.15
N ASN A 55 -21.38 -2.00 -30.62
CA ASN A 55 -21.59 -0.68 -31.26
C ASN A 55 -22.17 0.20 -30.17
N TYR A 56 -21.30 0.91 -29.46
CA TYR A 56 -21.72 1.58 -28.21
C TYR A 56 -22.76 2.68 -28.43
N GLU A 57 -22.63 3.56 -29.43
CA GLU A 57 -23.65 4.61 -29.75
C GLU A 57 -25.01 3.91 -29.97
N ASP A 58 -25.05 2.80 -30.71
CA ASP A 58 -26.31 2.04 -30.91
C ASP A 58 -26.83 1.54 -29.57
N LEU A 59 -25.97 0.93 -28.75
CA LEU A 59 -26.41 0.28 -27.50
C LEU A 59 -26.94 1.35 -26.55
N LEU A 60 -26.33 2.55 -26.54
CA LEU A 60 -26.66 3.60 -25.56
C LEU A 60 -28.01 4.21 -25.94
N ILE A 61 -28.31 4.35 -27.22
CA ILE A 61 -29.58 5.03 -27.64
C ILE A 61 -30.78 4.17 -27.24
N ARG A 62 -30.59 2.86 -27.12
CA ARG A 62 -31.64 1.89 -26.71
C ARG A 62 -31.81 1.93 -25.19
N LYS A 63 -31.04 2.75 -24.46
CA LYS A 63 -31.15 2.81 -22.99
C LYS A 63 -31.88 4.07 -22.55
N SER A 64 -32.61 4.00 -21.44
CA SER A 64 -33.15 5.19 -20.75
C SER A 64 -32.50 5.31 -19.37
N ASN A 65 -32.73 6.45 -18.72
CA ASN A 65 -32.26 6.74 -17.35
C ASN A 65 -32.60 5.61 -16.39
N HIS A 66 -33.82 5.06 -16.47
CA HIS A 66 -34.31 4.03 -15.52
C HIS A 66 -33.62 2.68 -15.76
N ASN A 67 -32.86 2.48 -16.84
CA ASN A 67 -32.08 1.23 -17.06
C ASN A 67 -30.81 1.22 -16.17
N PHE A 68 -30.50 2.35 -15.55
CA PHE A 68 -29.25 2.51 -14.74
C PHE A 68 -29.62 2.59 -13.26
N LEU A 69 -29.17 1.62 -12.46
CA LEU A 69 -29.38 1.63 -10.98
C LEU A 69 -28.06 2.09 -10.39
N VAL A 70 -28.04 3.28 -9.78
CA VAL A 70 -26.87 3.83 -9.03
C VAL A 70 -27.16 3.70 -7.53
N GLN A 71 -26.25 3.08 -6.79
CA GLN A 71 -26.38 2.88 -5.32
C GLN A 71 -25.16 3.45 -4.63
N ALA A 72 -25.37 4.37 -3.70
CA ALA A 72 -24.35 4.92 -2.78
C ALA A 72 -24.64 4.33 -1.41
N GLY A 73 -23.73 3.53 -0.87
CA GLY A 73 -24.02 2.60 0.23
C GLY A 73 -25.23 1.75 -0.12
N ASN A 74 -26.35 1.97 0.58
CA ASN A 74 -27.63 1.28 0.32
C ASN A 74 -28.70 2.32 -0.06
N VAL A 75 -28.30 3.53 -0.48
CA VAL A 75 -29.23 4.56 -1.02
C VAL A 75 -29.12 4.62 -2.55
N GLN A 76 -30.26 4.46 -3.22
CA GLN A 76 -30.43 4.62 -4.68
C GLN A 76 -30.36 6.12 -4.99
N LEU A 77 -29.54 6.48 -5.97
CA LEU A 77 -29.58 7.84 -6.54
C LEU A 77 -30.36 7.73 -7.84
N ARG A 78 -31.18 8.72 -8.13
CA ARG A 78 -31.95 8.72 -9.39
C ARG A 78 -31.11 9.35 -10.49
N VAL A 79 -30.98 8.63 -11.60
CA VAL A 79 -30.32 9.09 -12.85
C VAL A 79 -31.32 9.99 -13.61
N ILE A 80 -30.94 11.24 -13.87
CA ILE A 80 -31.81 12.25 -14.55
C ILE A 80 -31.19 12.69 -15.89
N GLY A 81 -30.13 12.03 -16.33
CA GLY A 81 -29.47 12.31 -17.61
C GLY A 81 -28.34 11.33 -17.82
N HIS A 82 -28.04 11.01 -19.06
CA HIS A 82 -26.84 10.21 -19.38
C HIS A 82 -26.21 10.76 -20.65
N SER A 83 -24.89 10.70 -20.72
CA SER A 83 -24.14 10.95 -21.95
C SER A 83 -22.91 10.04 -21.93
N MET A 84 -22.23 10.06 -23.05
N MET A 84 -22.30 9.84 -23.09
CA MET A 84 -21.01 9.29 -23.24
CA MET A 84 -21.07 9.02 -23.32
C MET A 84 -19.94 10.26 -23.66
C MET A 84 -19.94 9.94 -23.81
N GLN A 85 -18.77 10.01 -23.12
CA GLN A 85 -17.55 10.73 -23.55
C GLN A 85 -16.51 9.64 -23.80
N ASN A 86 -16.26 9.28 -25.05
CA ASN A 86 -15.29 8.22 -25.38
C ASN A 86 -15.77 6.95 -24.65
N CYS A 87 -14.90 6.29 -23.85
CA CYS A 87 -15.21 4.97 -23.23
C CYS A 87 -15.81 5.17 -21.83
N VAL A 88 -16.15 6.39 -21.46
CA VAL A 88 -16.80 6.67 -20.13
C VAL A 88 -18.23 7.12 -20.32
N LEU A 89 -19.08 6.62 -19.45
CA LEU A 89 -20.49 7.08 -19.34
C LEU A 89 -20.59 8.06 -18.19
N LYS A 90 -21.37 9.13 -18.36
CA LYS A 90 -21.58 10.20 -17.38
C LYS A 90 -23.08 10.16 -17.04
N LEU A 91 -23.40 9.74 -15.82
CA LEU A 91 -24.82 9.63 -15.36
C LEU A 91 -25.09 10.84 -14.49
N LYS A 92 -25.95 11.75 -14.95
CA LYS A 92 -26.35 12.91 -14.12
C LYS A 92 -27.36 12.37 -13.11
N VAL A 93 -27.13 12.65 -11.82
CA VAL A 93 -28.04 12.18 -10.73
C VAL A 93 -28.67 13.44 -10.10
N ASP A 94 -29.72 13.24 -9.33
CA ASP A 94 -30.50 14.40 -8.80
C ASP A 94 -29.97 14.78 -7.42
N THR A 95 -28.79 14.27 -7.02
CA THR A 95 -28.19 14.42 -5.67
C THR A 95 -26.72 14.85 -5.84
N ALA A 96 -26.26 15.89 -5.16
CA ALA A 96 -24.82 16.28 -5.12
C ALA A 96 -24.09 15.42 -4.06
N ASN A 97 -22.87 14.95 -4.37
CA ASN A 97 -22.01 14.31 -3.34
C ASN A 97 -21.35 15.35 -2.45
N PRO A 98 -21.72 15.47 -1.14
CA PRO A 98 -21.05 16.43 -0.26
C PRO A 98 -19.63 16.00 0.10
N LYS A 99 -19.28 14.72 -0.16
CA LYS A 99 -17.91 14.23 0.10
C LYS A 99 -17.04 14.50 -1.14
N THR A 100 -17.56 15.15 -2.18
CA THR A 100 -16.74 15.48 -3.38
C THR A 100 -15.51 16.27 -2.95
N PRO A 101 -14.27 15.80 -3.21
CA PRO A 101 -13.09 16.57 -2.89
C PRO A 101 -12.84 17.64 -3.95
N LYS A 102 -11.90 18.56 -3.69
CA LYS A 102 -11.27 19.34 -4.79
C LYS A 102 -10.65 18.30 -5.72
N TYR A 103 -10.88 18.42 -7.02
CA TYR A 103 -10.33 17.39 -7.94
C TYR A 103 -10.05 17.99 -9.31
N LYS A 104 -9.27 17.23 -10.07
CA LYS A 104 -8.97 17.49 -11.49
C LYS A 104 -8.95 16.13 -12.18
N PHE A 105 -9.16 16.16 -13.48
CA PHE A 105 -8.92 15.02 -14.39
C PHE A 105 -7.62 15.32 -15.10
N VAL A 106 -6.68 14.41 -15.05
CA VAL A 106 -5.38 14.57 -15.70
C VAL A 106 -5.08 13.31 -16.49
N ARG A 107 -4.32 13.45 -17.55
CA ARG A 107 -3.85 12.32 -18.34
C ARG A 107 -2.39 12.16 -18.01
N ILE A 108 -2.01 11.05 -17.38
CA ILE A 108 -0.60 10.90 -16.95
C ILE A 108 0.27 10.37 -18.09
N GLN A 109 1.57 10.57 -17.87
CA GLN A 109 2.62 10.22 -18.82
C GLN A 109 3.16 8.85 -18.43
N PRO A 110 3.71 8.10 -19.38
CA PRO A 110 4.33 6.84 -19.09
C PRO A 110 5.50 7.05 -18.12
N GLY A 111 5.60 6.19 -17.11
CA GLY A 111 6.63 6.30 -16.07
C GLY A 111 6.08 6.97 -14.82
N GLN A 112 4.96 7.69 -14.93
CA GLN A 112 4.39 8.37 -13.75
C GLN A 112 3.63 7.33 -12.92
N THR A 113 3.59 7.57 -11.61
CA THR A 113 2.95 6.65 -10.65
C THR A 113 1.61 7.24 -10.19
N PHE A 114 0.81 6.36 -9.61
CA PHE A 114 -0.50 6.78 -9.05
C PHE A 114 -0.93 5.68 -8.09
N SER A 115 -1.89 6.05 -7.24
CA SER A 115 -2.52 5.10 -6.34
C SER A 115 -3.80 4.56 -6.99
N VAL A 116 -4.07 3.29 -6.81
CA VAL A 116 -5.32 2.64 -7.24
C VAL A 116 -6.14 2.29 -6.00
N LEU A 117 -7.40 2.68 -6.02
CA LEU A 117 -8.36 2.19 -5.02
C LEU A 117 -9.18 1.09 -5.70
N ALA A 118 -8.84 -0.13 -5.45
CA ALA A 118 -9.56 -1.26 -6.00
C ALA A 118 -10.90 -1.38 -5.29
N CYS A 119 -11.99 -1.47 -6.01
CA CYS A 119 -13.35 -1.50 -5.48
C CYS A 119 -14.16 -2.61 -6.15
N TYR A 120 -15.07 -3.18 -5.40
CA TYR A 120 -16.02 -4.22 -5.87
C TYR A 120 -17.40 -3.81 -5.38
N ASN A 121 -18.40 -3.78 -6.27
CA ASN A 121 -19.81 -3.47 -5.93
C ASN A 121 -19.86 -2.12 -5.21
N GLY A 122 -19.04 -1.15 -5.63
CA GLY A 122 -19.07 0.22 -5.12
C GLY A 122 -18.38 0.36 -3.78
N SER A 123 -17.80 -0.72 -3.24
CA SER A 123 -17.15 -0.76 -1.90
C SER A 123 -15.65 -0.87 -2.04
N PRO A 124 -14.87 0.10 -1.51
CA PRO A 124 -13.41 0.02 -1.52
C PRO A 124 -12.86 -1.23 -0.88
N SER A 125 -11.89 -1.87 -1.53
N SER A 125 -11.88 -1.88 -1.53
CA SER A 125 -11.27 -3.14 -1.07
CA SER A 125 -11.28 -3.18 -1.14
C SER A 125 -9.80 -2.97 -0.69
C SER A 125 -9.80 -3.05 -0.76
N GLY A 126 -9.02 -2.24 -1.48
CA GLY A 126 -7.59 -2.15 -1.21
C GLY A 126 -6.98 -1.00 -1.95
N VAL A 127 -5.81 -0.58 -1.51
CA VAL A 127 -5.14 0.57 -2.15
C VAL A 127 -3.69 0.19 -2.37
N TYR A 128 -3.16 0.51 -3.53
CA TYR A 128 -1.75 0.17 -3.84
C TYR A 128 -1.26 1.15 -4.90
N GLN A 129 0.05 1.26 -5.02
CA GLN A 129 0.73 2.20 -5.94
C GLN A 129 1.07 1.44 -7.22
N CYS A 130 0.73 2.02 -8.39
N CYS A 130 1.14 2.15 -8.32
CA CYS A 130 1.11 1.54 -9.75
CA CYS A 130 1.61 1.54 -9.57
C CYS A 130 1.95 2.60 -10.50
C CYS A 130 1.84 2.61 -10.61
N ALA A 131 2.57 2.20 -11.63
CA ALA A 131 3.11 3.13 -12.64
C ALA A 131 2.38 2.89 -13.96
N MET A 132 2.19 3.96 -14.71
CA MET A 132 1.85 3.83 -16.15
C MET A 132 3.08 3.26 -16.89
N ARG A 133 3.06 2.03 -17.36
CA ARG A 133 4.22 1.41 -18.06
C ARG A 133 4.46 2.18 -19.37
N PRO A 134 5.70 2.10 -19.92
CA PRO A 134 5.96 2.68 -21.24
C PRO A 134 5.08 2.13 -22.36
N ASN A 135 4.58 0.91 -22.25
CA ASN A 135 3.64 0.29 -23.22
C ASN A 135 2.18 0.56 -22.84
N PHE A 136 1.98 1.41 -21.83
CA PHE A 136 0.67 2.00 -21.46
C PHE A 136 -0.23 0.94 -20.84
N THR A 137 0.36 -0.10 -20.29
CA THR A 137 -0.33 -1.05 -19.41
C THR A 137 -0.02 -0.67 -17.97
N ILE A 138 -0.77 -1.20 -17.02
CA ILE A 138 -0.41 -1.10 -15.58
C ILE A 138 -0.35 -2.51 -15.02
N LYS A 139 0.56 -2.73 -14.09
CA LYS A 139 0.66 -4.04 -13.42
C LYS A 139 -0.15 -3.89 -12.14
N GLY A 140 -1.43 -4.14 -12.24
CA GLY A 140 -2.37 -4.00 -11.12
C GLY A 140 -2.75 -5.34 -10.54
N SER A 141 -3.61 -5.29 -9.55
N SER A 141 -3.78 -5.29 -9.72
CA SER A 141 -4.33 -6.44 -8.97
CA SER A 141 -4.35 -6.40 -8.93
C SER A 141 -5.82 -6.09 -9.08
C SER A 141 -5.87 -6.24 -8.96
N PHE A 142 -6.50 -6.70 -10.03
CA PHE A 142 -7.90 -6.44 -10.31
C PHE A 142 -8.60 -7.74 -10.66
N LEU A 143 -9.76 -7.96 -10.10
CA LEU A 143 -10.57 -9.18 -10.36
C LEU A 143 -11.86 -8.79 -11.06
N ASN A 144 -12.71 -9.76 -11.39
CA ASN A 144 -14.07 -9.49 -11.85
C ASN A 144 -14.79 -8.54 -10.89
N GLY A 145 -15.39 -7.47 -11.39
CA GLY A 145 -16.13 -6.49 -10.60
C GLY A 145 -15.30 -5.25 -10.33
N SER A 146 -14.00 -5.26 -10.67
CA SER A 146 -13.09 -4.10 -10.34
C SER A 146 -13.28 -2.96 -11.36
N CYS A 147 -13.91 -3.21 -12.49
CA CYS A 147 -14.08 -2.15 -13.51
C CYS A 147 -14.70 -0.89 -12.90
N GLY A 148 -14.21 0.28 -13.27
CA GLY A 148 -14.60 1.54 -12.70
C GLY A 148 -13.80 1.95 -11.50
N SER A 149 -12.98 1.06 -10.93
CA SER A 149 -11.97 1.45 -9.93
C SER A 149 -11.13 2.57 -10.56
N VAL A 150 -10.67 3.49 -9.74
CA VAL A 150 -9.88 4.63 -10.27
C VAL A 150 -8.49 4.70 -9.66
N GLY A 151 -7.63 5.37 -10.42
CA GLY A 151 -6.29 5.74 -9.99
C GLY A 151 -6.12 7.24 -9.87
N PHE A 152 -5.26 7.69 -8.95
CA PHE A 152 -5.24 9.11 -8.57
C PHE A 152 -3.91 9.43 -7.89
N ASN A 153 -3.67 10.72 -7.87
CA ASN A 153 -2.62 11.34 -7.03
C ASN A 153 -3.29 12.40 -6.15
N ILE A 154 -2.70 12.71 -5.01
CA ILE A 154 -3.25 13.80 -4.14
C ILE A 154 -2.14 14.82 -3.94
N ASP A 155 -2.47 16.09 -4.13
N ASP A 155 -2.46 16.08 -4.24
CA ASP A 155 -1.53 17.23 -4.03
CA ASP A 155 -1.59 17.26 -4.01
C ASP A 155 -2.24 18.33 -3.20
C ASP A 155 -2.35 18.23 -3.12
N TYR A 156 -1.78 18.53 -1.96
CA TYR A 156 -2.45 19.35 -0.92
C TYR A 156 -3.76 18.62 -0.60
N ASP A 157 -4.89 19.21 -0.96
CA ASP A 157 -6.24 18.67 -0.67
C ASP A 157 -6.89 18.24 -1.99
N CYS A 158 -6.13 18.28 -3.09
CA CYS A 158 -6.66 18.14 -4.47
C CYS A 158 -6.34 16.76 -5.05
N VAL A 159 -7.40 16.06 -5.43
CA VAL A 159 -7.26 14.69 -6.02
C VAL A 159 -7.22 14.84 -7.54
N SER A 160 -6.16 14.37 -8.15
CA SER A 160 -6.00 14.33 -9.63
C SER A 160 -6.29 12.90 -10.05
N PHE A 161 -7.47 12.69 -10.58
CA PHE A 161 -7.88 11.36 -11.11
C PHE A 161 -7.24 11.16 -12.49
N CYS A 162 -6.52 10.04 -12.66
CA CYS A 162 -5.76 9.82 -13.91
C CYS A 162 -6.13 8.49 -14.57
N TYR A 163 -6.89 7.59 -13.94
CA TYR A 163 -7.08 6.22 -14.47
C TYR A 163 -8.45 5.74 -14.04
N MET A 164 -9.16 5.14 -14.98
N MET A 164 -9.11 5.06 -14.96
CA MET A 164 -10.33 4.30 -14.65
CA MET A 164 -10.32 4.26 -14.68
C MET A 164 -10.05 2.91 -15.22
C MET A 164 -10.16 2.87 -15.29
N HIS A 165 -10.41 1.85 -14.51
CA HIS A 165 -10.05 0.47 -14.88
C HIS A 165 -11.09 -0.14 -15.83
N HIS A 166 -10.61 -0.78 -16.91
CA HIS A 166 -11.51 -1.44 -17.91
C HIS A 166 -11.18 -2.89 -18.21
N MET A 167 -9.91 -3.28 -18.23
N MET A 167 -9.92 -3.30 -18.22
CA MET A 167 -9.50 -4.54 -18.91
CA MET A 167 -9.54 -4.53 -18.96
C MET A 167 -8.34 -5.25 -18.24
C MET A 167 -8.38 -5.25 -18.26
N GLU A 168 -8.35 -6.59 -18.34
CA GLU A 168 -7.17 -7.40 -18.02
C GLU A 168 -6.73 -8.15 -19.27
N LEU A 169 -5.53 -7.90 -19.72
CA LEU A 169 -5.00 -8.53 -20.95
C LEU A 169 -4.71 -9.99 -20.62
N PRO A 170 -4.56 -10.83 -21.65
CA PRO A 170 -4.16 -12.23 -21.41
C PRO A 170 -2.88 -12.44 -20.60
N THR A 171 -1.90 -11.54 -20.67
CA THR A 171 -0.63 -11.62 -19.91
C THR A 171 -0.85 -11.30 -18.41
N GLY A 172 -2.05 -10.85 -18.03
CA GLY A 172 -2.42 -10.54 -16.64
C GLY A 172 -2.10 -9.09 -16.25
N VAL A 173 -1.59 -8.26 -17.15
CA VAL A 173 -1.49 -6.79 -16.93
C VAL A 173 -2.83 -6.15 -17.30
N HIS A 174 -2.96 -4.85 -17.00
CA HIS A 174 -4.25 -4.14 -16.99
C HIS A 174 -4.20 -2.93 -17.92
N ALA A 175 -5.39 -2.63 -18.43
CA ALA A 175 -5.58 -1.49 -19.33
C ALA A 175 -6.83 -0.73 -18.93
N GLY A 176 -6.77 0.56 -19.18
CA GLY A 176 -7.87 1.44 -18.88
C GLY A 176 -7.71 2.80 -19.48
N THR A 177 -8.52 3.72 -19.02
CA THR A 177 -8.69 5.04 -19.62
C THR A 177 -8.35 6.13 -18.63
N ASP A 178 -8.19 7.33 -19.17
CA ASP A 178 -8.28 8.54 -18.34
C ASP A 178 -9.78 8.83 -18.09
N LEU A 179 -10.04 9.89 -17.32
CA LEU A 179 -11.44 10.18 -16.91
C LEU A 179 -12.17 10.95 -18.01
N GLU A 180 -11.52 11.21 -19.14
CA GLU A 180 -12.23 11.62 -20.39
C GLU A 180 -12.54 10.40 -21.23
N GLY A 181 -12.24 9.18 -20.79
CA GLY A 181 -12.62 7.97 -21.51
C GLY A 181 -11.68 7.56 -22.64
N ASN A 182 -10.49 8.14 -22.68
CA ASN A 182 -9.52 7.73 -23.73
C ASN A 182 -8.61 6.64 -23.18
N PHE A 183 -8.49 5.48 -23.79
CA PHE A 183 -7.51 4.46 -23.39
C PHE A 183 -6.12 5.07 -23.34
N TYR A 184 -5.35 4.60 -22.38
CA TYR A 184 -3.88 4.57 -22.44
C TYR A 184 -3.58 3.37 -23.31
N GLY A 185 -2.81 3.59 -24.38
CA GLY A 185 -2.32 2.47 -25.17
C GLY A 185 -3.30 2.12 -26.27
N PRO A 186 -2.92 1.13 -27.09
CA PRO A 186 -3.67 0.77 -28.30
C PRO A 186 -4.86 -0.14 -28.09
N PHE A 187 -5.46 -0.04 -26.90
CA PHE A 187 -6.47 -1.00 -26.46
C PHE A 187 -7.87 -0.51 -26.85
N VAL A 188 -8.79 -1.46 -26.87
CA VAL A 188 -10.22 -1.22 -27.23
C VAL A 188 -11.12 -1.98 -26.27
N ASP A 189 -12.21 -1.35 -25.88
CA ASP A 189 -13.21 -1.95 -24.96
C ASP A 189 -14.17 -2.88 -25.72
N ARG A 190 -13.58 -3.96 -26.23
CA ARG A 190 -14.26 -5.16 -26.77
C ARG A 190 -13.64 -6.40 -26.09
N GLN A 191 -14.43 -7.48 -25.99
CA GLN A 191 -14.03 -8.77 -25.36
C GLN A 191 -13.17 -9.56 -26.36
N THR A 192 -11.96 -9.08 -26.59
CA THR A 192 -10.95 -9.73 -27.48
C THR A 192 -9.60 -9.75 -26.79
N ALA A 193 -8.83 -10.79 -27.06
CA ALA A 193 -7.47 -10.95 -26.51
C ALA A 193 -6.59 -9.89 -27.17
N GLN A 194 -6.05 -8.98 -26.40
CA GLN A 194 -5.22 -7.90 -26.95
C GLN A 194 -3.84 -8.00 -26.33
N ALA A 195 -2.82 -7.85 -27.15
CA ALA A 195 -1.42 -7.75 -26.76
C ALA A 195 -1.01 -6.29 -26.68
N ALA A 196 -0.11 -5.96 -25.76
CA ALA A 196 0.55 -4.66 -25.71
C ALA A 196 1.81 -4.68 -26.56
N GLY A 197 2.32 -3.50 -26.86
CA GLY A 197 3.70 -3.32 -27.34
C GLY A 197 4.72 -3.87 -26.35
N THR A 198 5.92 -4.14 -26.86
N THR A 198 5.92 -4.13 -26.85
CA THR A 198 7.04 -4.65 -26.03
CA THR A 198 7.01 -4.67 -26.01
C THR A 198 7.19 -3.72 -24.84
C THR A 198 7.19 -3.72 -24.84
N ASP A 199 7.48 -4.26 -23.67
CA ASP A 199 7.55 -3.26 -22.57
C ASP A 199 9.02 -2.88 -22.34
N THR A 200 9.25 -1.68 -21.79
CA THR A 200 10.61 -1.20 -21.51
C THR A 200 10.66 -0.75 -20.05
N THR A 201 11.87 -0.69 -19.51
CA THR A 201 12.09 -0.31 -18.10
C THR A 201 12.18 1.21 -17.97
N ILE A 202 11.59 1.80 -16.92
CA ILE A 202 11.52 3.27 -16.71
C ILE A 202 12.84 3.70 -16.04
N THR A 203 13.82 4.08 -16.87
CA THR A 203 15.21 4.33 -16.44
C THR A 203 15.28 5.38 -15.34
N VAL A 204 14.63 6.52 -15.51
CA VAL A 204 14.70 7.61 -14.49
C VAL A 204 14.25 7.06 -13.13
N ASN A 205 13.27 6.19 -13.13
CA ASN A 205 12.72 5.60 -11.88
C ASN A 205 13.73 4.63 -11.27
N VAL A 206 14.35 3.79 -12.08
CA VAL A 206 15.37 2.86 -11.54
C VAL A 206 16.45 3.69 -10.86
N LEU A 207 16.88 4.78 -11.49
CA LEU A 207 17.93 5.62 -10.87
C LEU A 207 17.42 6.19 -9.55
N ALA A 208 16.16 6.64 -9.51
CA ALA A 208 15.59 7.20 -8.24
C ALA A 208 15.59 6.12 -7.17
N TRP A 209 15.29 4.89 -7.47
CA TRP A 209 15.29 3.75 -6.53
C TRP A 209 16.71 3.39 -6.06
N LEU A 210 17.69 3.37 -6.97
CA LEU A 210 19.10 3.21 -6.54
C LEU A 210 19.46 4.33 -5.60
N TYR A 211 19.03 5.57 -5.81
CA TYR A 211 19.32 6.66 -4.86
C TYR A 211 18.61 6.40 -3.51
N ALA A 212 17.33 6.01 -3.50
CA ALA A 212 16.68 5.50 -2.28
C ALA A 212 17.55 4.42 -1.62
N ALA A 213 18.10 3.46 -2.37
CA ALA A 213 18.90 2.36 -1.80
C ALA A 213 20.09 2.94 -1.04
N VAL A 214 20.81 3.88 -1.65
CA VAL A 214 22.01 4.52 -1.03
C VAL A 214 21.55 5.14 0.28
N ILE A 215 20.47 5.92 0.23
CA ILE A 215 19.94 6.69 1.40
C ILE A 215 19.59 5.71 2.53
N ASN A 216 19.14 4.50 2.21
CA ASN A 216 18.79 3.47 3.22
C ASN A 216 19.97 2.52 3.46
N GLY A 217 21.21 2.93 3.12
CA GLY A 217 22.48 2.27 3.51
C GLY A 217 22.87 1.08 2.63
N ASP A 218 22.28 0.92 1.43
CA ASP A 218 22.54 -0.23 0.54
C ASP A 218 23.39 0.30 -0.64
N ARG A 219 24.69 -0.01 -0.68
CA ARG A 219 25.72 0.75 -1.46
C ARG A 219 26.65 -0.17 -2.25
N TRP A 220 26.46 -1.47 -2.16
CA TRP A 220 27.39 -2.50 -2.70
C TRP A 220 27.57 -2.25 -4.20
N PHE A 221 26.55 -1.68 -4.86
CA PHE A 221 26.48 -1.59 -6.34
C PHE A 221 27.20 -0.32 -6.86
N LEU A 222 27.58 0.61 -6.00
CA LEU A 222 28.25 1.87 -6.43
C LEU A 222 29.67 1.57 -6.90
N ASN A 223 30.20 2.49 -7.70
CA ASN A 223 31.55 2.36 -8.31
C ASN A 223 32.12 3.76 -8.52
N ARG A 224 33.46 3.86 -8.74
CA ARG A 224 34.20 5.14 -8.79
C ARG A 224 33.98 5.84 -10.15
N PHE A 225 33.30 5.18 -11.10
CA PHE A 225 33.25 5.56 -12.54
C PHE A 225 32.10 6.53 -12.84
N THR A 226 32.26 7.24 -13.95
CA THR A 226 31.22 8.07 -14.61
C THR A 226 31.09 7.61 -16.06
N THR A 227 30.08 8.12 -16.74
CA THR A 227 29.74 7.81 -18.15
C THR A 227 29.21 9.11 -18.71
N THR A 228 29.18 9.26 -20.02
CA THR A 228 28.44 10.34 -20.67
C THR A 228 26.97 9.95 -20.76
N LEU A 229 26.13 10.93 -20.91
CA LEU A 229 24.67 10.68 -21.03
C LEU A 229 24.42 9.84 -22.30
N ASN A 230 25.05 10.20 -23.43
CA ASN A 230 24.88 9.43 -24.67
C ASN A 230 25.38 7.99 -24.49
N ASP A 231 26.54 7.77 -23.88
CA ASP A 231 27.09 6.40 -23.72
C ASP A 231 26.15 5.58 -22.83
N PHE A 232 25.66 6.21 -21.77
CA PHE A 232 24.68 5.53 -20.91
C PHE A 232 23.43 5.16 -21.73
N ASN A 233 22.87 6.07 -22.49
CA ASN A 233 21.64 5.82 -23.28
C ASN A 233 21.89 4.68 -24.27
N LEU A 234 23.08 4.59 -24.85
CA LEU A 234 23.32 3.47 -25.81
C LEU A 234 23.16 2.14 -25.09
N VAL A 235 23.74 2.02 -23.92
CA VAL A 235 23.66 0.76 -23.13
C VAL A 235 22.21 0.56 -22.67
N ALA A 236 21.60 1.62 -22.17
CA ALA A 236 20.22 1.52 -21.66
C ALA A 236 19.33 0.94 -22.76
N MET A 237 19.43 1.45 -23.99
CA MET A 237 18.55 1.04 -25.10
C MET A 237 18.79 -0.42 -25.44
N LYS A 238 20.06 -0.84 -25.35
CA LYS A 238 20.48 -2.25 -25.62
C LYS A 238 19.71 -3.17 -24.68
N TYR A 239 19.44 -2.76 -23.44
CA TYR A 239 18.76 -3.56 -22.40
C TYR A 239 17.26 -3.22 -22.30
N ASN A 240 16.68 -2.58 -23.30
CA ASN A 240 15.23 -2.26 -23.34
C ASN A 240 14.88 -1.38 -22.15
N TYR A 241 15.74 -0.45 -21.80
CA TYR A 241 15.47 0.67 -20.88
C TYR A 241 15.16 1.91 -21.70
N GLU A 242 14.25 2.74 -21.19
CA GLU A 242 13.88 4.01 -21.84
C GLU A 242 15.09 4.95 -21.85
N PRO A 243 15.16 5.87 -22.84
CA PRO A 243 16.17 6.90 -22.82
C PRO A 243 16.07 7.77 -21.56
N LEU A 244 17.20 8.20 -21.07
CA LEU A 244 17.28 9.24 -20.02
C LEU A 244 17.53 10.58 -20.70
N THR A 245 16.67 11.55 -20.43
CA THR A 245 16.74 12.90 -21.00
C THR A 245 17.46 13.84 -20.02
N GLN A 246 17.86 15.02 -20.50
CA GLN A 246 18.41 16.08 -19.60
C GLN A 246 17.32 16.47 -18.59
N ASP A 247 16.06 16.56 -19.00
CA ASP A 247 14.95 16.79 -18.03
C ASP A 247 15.03 15.76 -16.89
N HIS A 248 15.22 14.47 -17.19
CA HIS A 248 15.31 13.45 -16.14
C HIS A 248 16.52 13.75 -15.25
N VAL A 249 17.69 14.03 -15.85
CA VAL A 249 18.92 14.34 -15.06
C VAL A 249 18.58 15.46 -14.06
N ASP A 250 17.86 16.48 -14.52
CA ASP A 250 17.49 17.68 -13.72
C ASP A 250 16.60 17.23 -12.57
N ILE A 251 15.58 16.42 -12.86
CA ILE A 251 14.61 15.91 -11.84
C ILE A 251 15.33 15.08 -10.77
N LEU A 252 16.46 14.44 -11.08
CA LEU A 252 17.20 13.64 -10.10
C LEU A 252 18.17 14.49 -9.28
N GLY A 253 18.27 15.79 -9.59
CA GLY A 253 19.13 16.78 -8.91
C GLY A 253 19.03 16.70 -7.40
N PRO A 254 17.83 16.86 -6.79
CA PRO A 254 17.72 16.84 -5.34
C PRO A 254 18.30 15.55 -4.74
N LEU A 255 18.09 14.40 -5.38
CA LEU A 255 18.58 13.11 -4.83
C LEU A 255 20.10 13.08 -5.00
N SER A 256 20.59 13.66 -6.10
CA SER A 256 22.05 13.73 -6.38
C SER A 256 22.72 14.57 -5.28
N ALA A 257 22.18 15.76 -5.03
CA ALA A 257 22.60 16.71 -3.95
C ALA A 257 22.57 16.01 -2.61
N GLN A 258 21.45 15.35 -2.30
CA GLN A 258 21.27 14.72 -0.97
C GLN A 258 22.41 13.72 -0.74
N THR A 259 22.74 12.88 -1.72
CA THR A 259 23.64 11.71 -1.52
C THR A 259 25.09 12.08 -1.90
N GLY A 260 25.26 13.22 -2.58
CA GLY A 260 26.54 13.66 -3.16
C GLY A 260 27.00 12.81 -4.34
N ILE A 261 26.11 12.00 -4.94
CA ILE A 261 26.45 11.09 -6.08
C ILE A 261 25.87 11.71 -7.33
N ALA A 262 26.72 12.12 -8.27
CA ALA A 262 26.27 12.81 -9.51
C ALA A 262 25.43 11.82 -10.32
N VAL A 263 24.49 12.36 -11.04
CA VAL A 263 23.53 11.54 -11.83
C VAL A 263 24.30 10.62 -12.78
N LEU A 264 25.31 11.16 -13.47
CA LEU A 264 26.07 10.32 -14.44
C LEU A 264 26.96 9.31 -13.71
N ASP A 265 27.34 9.54 -12.45
N ASP A 265 27.31 9.60 -12.45
CA ASP A 265 28.02 8.49 -11.64
CA ASP A 265 28.00 8.65 -11.56
C ASP A 265 27.01 7.37 -11.32
C ASP A 265 27.05 7.45 -11.26
N MET A 266 25.77 7.73 -10.95
CA MET A 266 24.75 6.68 -10.69
C MET A 266 24.41 5.93 -12.00
N CYS A 267 24.45 6.64 -13.11
CA CYS A 267 24.28 6.01 -14.45
C CYS A 267 25.35 4.92 -14.68
N ALA A 268 26.61 5.19 -14.33
CA ALA A 268 27.70 4.21 -14.46
C ALA A 268 27.46 2.99 -13.58
N SER A 269 26.90 3.16 -12.36
CA SER A 269 26.49 2.01 -11.49
C SER A 269 25.41 1.16 -12.16
N LEU A 270 24.39 1.80 -12.71
CA LEU A 270 23.30 1.08 -13.38
C LEU A 270 23.83 0.37 -14.61
N LYS A 271 24.70 1.02 -15.40
CA LYS A 271 25.28 0.33 -16.56
C LYS A 271 25.94 -0.99 -16.10
N GLU A 272 26.72 -0.97 -15.03
N GLU A 272 26.71 -0.93 -15.00
CA GLU A 272 27.41 -2.20 -14.56
CA GLU A 272 27.45 -2.08 -14.38
C GLU A 272 26.35 -3.21 -14.09
C GLU A 272 26.45 -3.17 -13.96
N LEU A 273 25.34 -2.78 -13.34
CA LEU A 273 24.26 -3.73 -12.95
C LEU A 273 23.65 -4.41 -14.18
N LEU A 274 23.36 -3.67 -15.25
CA LEU A 274 22.77 -4.24 -16.47
C LEU A 274 23.77 -5.22 -17.10
N GLN A 275 25.07 -4.84 -17.10
CA GLN A 275 26.07 -5.66 -17.84
C GLN A 275 26.48 -6.89 -17.03
N ASN A 276 26.63 -6.78 -15.71
CA ASN A 276 27.14 -7.88 -14.85
C ASN A 276 26.01 -8.63 -14.13
N GLY A 277 24.82 -8.02 -13.97
CA GLY A 277 23.75 -8.56 -13.11
C GLY A 277 24.02 -8.29 -11.65
N MET A 278 23.18 -8.79 -10.74
CA MET A 278 23.27 -8.47 -9.30
C MET A 278 24.02 -9.57 -8.53
N ASN A 279 24.38 -10.67 -9.21
CA ASN A 279 25.21 -11.80 -8.68
C ASN A 279 24.52 -12.36 -7.44
N GLY A 280 23.20 -12.59 -7.53
CA GLY A 280 22.37 -13.12 -6.43
C GLY A 280 22.42 -12.25 -5.17
N ARG A 281 22.81 -10.97 -5.29
CA ARG A 281 22.68 -9.98 -4.19
C ARG A 281 21.34 -9.27 -4.39
N THR A 282 20.91 -8.49 -3.40
CA THR A 282 19.62 -7.76 -3.43
C THR A 282 19.85 -6.29 -3.15
N ILE A 283 18.91 -5.47 -3.60
CA ILE A 283 18.91 -4.02 -3.31
C ILE A 283 17.55 -3.67 -2.72
N LEU A 284 17.54 -3.14 -1.50
CA LEU A 284 16.29 -2.87 -0.73
C LEU A 284 15.38 -4.12 -0.75
N GLY A 285 15.94 -5.32 -0.56
CA GLY A 285 15.13 -6.56 -0.49
C GLY A 285 14.80 -7.14 -1.85
N SER A 286 15.07 -6.43 -2.95
CA SER A 286 14.66 -6.86 -4.31
C SER A 286 15.79 -7.62 -5.00
N ALA A 287 15.49 -8.76 -5.66
CA ALA A 287 16.41 -9.47 -6.57
C ALA A 287 16.39 -8.81 -7.96
N LEU A 288 15.53 -7.81 -8.15
CA LEU A 288 15.28 -7.18 -9.47
C LEU A 288 15.42 -5.67 -9.31
N LEU A 289 15.75 -4.97 -10.39
CA LEU A 289 15.82 -3.49 -10.37
C LEU A 289 14.39 -2.96 -10.45
N GLU A 290 14.04 -2.07 -9.55
CA GLU A 290 12.64 -1.62 -9.39
C GLU A 290 12.47 -0.31 -10.15
N ASP A 291 11.41 -0.20 -10.96
CA ASP A 291 11.21 1.01 -11.80
C ASP A 291 9.82 1.60 -11.59
N GLU A 292 9.20 1.36 -10.41
CA GLU A 292 7.88 1.99 -10.14
C GLU A 292 7.92 3.02 -9.00
N PHE A 293 9.10 3.61 -8.71
CA PHE A 293 9.20 4.82 -7.88
C PHE A 293 9.75 5.95 -8.72
N THR A 294 9.06 7.05 -8.82
CA THR A 294 9.52 8.28 -9.46
C THR A 294 10.49 9.00 -8.53
N PRO A 295 11.29 9.91 -9.08
CA PRO A 295 12.08 10.81 -8.24
C PRO A 295 11.26 11.46 -7.11
N PHE A 296 10.08 11.99 -7.44
CA PHE A 296 9.18 12.67 -6.46
C PHE A 296 8.78 11.68 -5.36
N ASP A 297 8.39 10.45 -5.72
CA ASP A 297 8.03 9.38 -4.74
C ASP A 297 9.20 9.13 -3.78
N VAL A 298 10.43 9.08 -4.28
CA VAL A 298 11.59 8.82 -3.40
C VAL A 298 11.81 10.03 -2.48
N VAL A 299 11.75 11.27 -3.00
CA VAL A 299 11.97 12.47 -2.12
C VAL A 299 10.89 12.53 -1.03
N ARG A 300 9.61 12.40 -1.41
CA ARG A 300 8.39 12.43 -0.54
C ARG A 300 8.62 11.48 0.64
N GLN A 301 9.07 10.28 0.34
CA GLN A 301 9.19 9.21 1.36
C GLN A 301 10.49 9.35 2.18
N CYS A 302 11.53 10.01 1.65
CA CYS A 302 12.90 9.99 2.26
C CYS A 302 13.22 11.30 3.00
N SER A 303 12.39 12.33 2.85
CA SER A 303 12.61 13.71 3.41
C SER A 303 13.58 13.64 4.60
N PHE B 5 1.28 -10.80 -7.79
CA PHE B 5 0.86 -10.43 -6.40
C PHE B 5 1.45 -9.08 -6.00
N ARG B 6 0.65 -8.27 -5.30
CA ARG B 6 1.01 -6.92 -4.79
C ARG B 6 0.80 -6.87 -3.28
N LYS B 7 1.63 -6.16 -2.52
CA LYS B 7 1.25 -5.71 -1.16
C LYS B 7 0.09 -4.74 -1.37
N MET B 8 -1.09 -5.04 -0.82
CA MET B 8 -2.24 -4.11 -0.88
C MET B 8 -2.57 -3.66 0.54
N ALA B 9 -2.72 -2.37 0.71
CA ALA B 9 -3.17 -1.84 2.02
C ALA B 9 -4.69 -1.87 2.06
N PHE B 10 -5.26 -1.86 3.25
CA PHE B 10 -6.69 -1.53 3.43
C PHE B 10 -6.97 -0.07 3.07
N PRO B 11 -8.19 0.23 2.54
CA PRO B 11 -8.57 1.62 2.36
C PRO B 11 -8.41 2.34 3.71
N SER B 12 -7.90 3.54 3.67
CA SER B 12 -7.47 4.22 4.91
C SER B 12 -8.52 5.20 5.42
N GLY B 13 -9.61 5.45 4.72
CA GLY B 13 -10.53 6.56 5.06
C GLY B 13 -11.05 6.45 6.49
N LYS B 14 -11.40 5.27 6.94
CA LYS B 14 -12.01 5.15 8.29
C LYS B 14 -10.96 5.53 9.33
N VAL B 15 -9.68 5.36 9.06
CA VAL B 15 -8.63 5.76 10.01
C VAL B 15 -8.28 7.24 9.86
N GLU B 16 -8.23 7.75 8.64
CA GLU B 16 -7.96 9.17 8.37
C GLU B 16 -8.87 10.04 9.24
N GLY B 17 -10.15 9.67 9.34
CA GLY B 17 -11.13 10.46 10.10
C GLY B 17 -10.92 10.42 11.60
N CYS B 18 -9.94 9.65 12.07
CA CYS B 18 -9.62 9.56 13.51
C CYS B 18 -8.27 10.16 13.80
N MET B 19 -7.51 10.69 12.86
CA MET B 19 -6.17 11.19 13.21
C MET B 19 -6.22 12.66 13.62
N VAL B 20 -5.56 12.92 14.75
CA VAL B 20 -5.41 14.30 15.30
C VAL B 20 -3.96 14.55 15.65
N GLN B 21 -3.65 15.77 16.04
CA GLN B 21 -2.30 16.07 16.58
C GLN B 21 -2.43 16.35 18.09
N VAL B 22 -1.41 15.99 18.78
CA VAL B 22 -1.27 16.21 20.24
C VAL B 22 0.06 16.91 20.47
N THR B 23 0.00 18.06 21.13
CA THR B 23 1.19 18.86 21.40
C THR B 23 1.29 19.10 22.90
N CYS B 24 2.52 18.95 23.38
N CYS B 24 2.44 18.81 23.48
CA CYS B 24 3.00 19.51 24.66
CA CYS B 24 2.78 19.12 24.90
C CYS B 24 4.15 20.44 24.29
C CYS B 24 4.14 19.80 24.82
N GLY B 25 3.97 21.75 24.48
N GLY B 25 4.22 21.13 25.06
CA GLY B 25 5.03 22.71 24.19
CA GLY B 25 5.44 21.99 25.00
C GLY B 25 5.27 22.82 22.72
C GLY B 25 6.37 21.86 23.77
N THR B 26 6.48 22.47 22.24
N THR B 26 5.94 22.31 22.58
CA THR B 26 6.74 22.33 20.79
CA THR B 26 6.72 22.36 21.30
C THR B 26 6.88 20.84 20.43
C THR B 26 6.67 21.00 20.56
N THR B 27 6.52 19.91 21.30
CA THR B 27 6.51 18.48 20.86
C THR B 27 5.12 18.09 20.33
N THR B 28 5.01 17.84 19.03
CA THR B 28 3.75 17.48 18.36
C THR B 28 3.88 16.05 17.82
N LEU B 29 2.89 15.26 18.14
N LEU B 29 3.08 15.14 18.41
CA LEU B 29 2.83 13.93 17.48
CA LEU B 29 2.86 13.73 17.94
C LEU B 29 1.38 13.56 17.30
C LEU B 29 1.48 13.62 17.25
N ASN B 30 1.19 12.45 16.66
CA ASN B 30 -0.15 12.09 16.17
C ASN B 30 -0.90 11.42 17.31
N GLY B 31 -2.22 11.56 17.28
CA GLY B 31 -3.08 10.80 18.18
C GLY B 31 -4.27 10.26 17.43
N LEU B 32 -4.91 9.28 18.07
CA LEU B 32 -6.05 8.57 17.50
C LEU B 32 -7.31 8.96 18.28
N TRP B 33 -8.30 9.54 17.62
CA TRP B 33 -9.50 10.09 18.29
C TRP B 33 -10.66 9.15 18.02
N LEU B 34 -11.08 8.43 19.05
CA LEU B 34 -12.19 7.46 18.95
C LEU B 34 -13.18 7.77 20.06
N ASP B 35 -14.44 7.98 19.65
CA ASP B 35 -15.41 8.49 20.65
C ASP B 35 -14.82 9.74 21.28
N ASP B 36 -14.84 9.86 22.60
CA ASP B 36 -14.34 11.07 23.26
C ASP B 36 -12.99 10.87 23.91
N VAL B 37 -12.17 9.98 23.35
CA VAL B 37 -10.81 9.75 23.86
C VAL B 37 -9.80 9.90 22.70
N VAL B 38 -8.64 10.47 23.05
CA VAL B 38 -7.50 10.55 22.12
C VAL B 38 -6.37 9.75 22.73
N TYR B 39 -5.86 8.81 21.94
CA TYR B 39 -4.76 7.94 22.33
C TYR B 39 -3.48 8.40 21.66
N CYS B 40 -2.37 8.45 22.35
CA CYS B 40 -1.08 8.84 21.74
C CYS B 40 0.07 8.29 22.54
N PRO B 41 1.27 8.35 22.02
CA PRO B 41 2.44 7.89 22.78
C PRO B 41 2.70 8.79 24.01
N ARG B 42 3.00 8.16 25.13
CA ARG B 42 3.15 8.94 26.38
C ARG B 42 4.39 9.83 26.30
N HIS B 43 5.38 9.60 25.44
CA HIS B 43 6.60 10.45 25.40
C HIS B 43 6.32 11.83 24.84
N VAL B 44 5.11 12.14 24.40
CA VAL B 44 4.71 13.54 24.09
C VAL B 44 4.97 14.43 25.32
N ILE B 45 4.97 13.89 26.53
CA ILE B 45 5.21 14.72 27.77
C ILE B 45 6.69 14.93 28.08
N CYS B 46 7.58 14.31 27.35
CA CYS B 46 9.04 14.39 27.64
C CYS B 46 9.64 15.67 27.10
N THR B 47 10.72 16.12 27.76
CA THR B 47 11.68 17.12 27.26
C THR B 47 12.91 16.37 26.76
N SER B 48 13.66 16.99 25.85
CA SER B 48 14.87 16.42 25.20
C SER B 48 15.92 16.04 26.24
N GLU B 49 16.08 16.83 27.31
CA GLU B 49 17.19 16.63 28.28
C GLU B 49 16.86 15.43 29.19
N ASP B 50 15.62 14.96 29.18
CA ASP B 50 15.12 13.93 30.13
C ASP B 50 14.53 12.70 29.41
N MET B 51 15.11 12.27 28.29
CA MET B 51 14.55 11.12 27.53
C MET B 51 15.47 9.89 27.64
N LEU B 52 16.52 9.94 28.45
CA LEU B 52 17.44 8.78 28.68
C LEU B 52 16.76 7.79 29.61
N ASN B 53 16.16 8.26 30.72
CA ASN B 53 15.35 7.41 31.63
C ASN B 53 14.26 8.26 32.27
N PRO B 54 13.27 8.72 31.47
CA PRO B 54 12.18 9.56 31.97
C PRO B 54 11.42 8.81 33.07
N ASN B 55 11.00 9.55 34.10
CA ASN B 55 10.10 9.05 35.15
C ASN B 55 8.71 9.49 34.70
N TYR B 56 8.09 8.68 33.87
CA TYR B 56 6.77 9.04 33.29
C TYR B 56 5.72 9.34 34.36
N GLU B 57 5.68 8.60 35.46
CA GLU B 57 4.69 8.84 36.54
C GLU B 57 4.91 10.27 37.08
N ASP B 58 6.16 10.70 37.28
N ASP B 58 6.18 10.63 37.35
CA ASP B 58 6.43 12.04 37.88
CA ASP B 58 6.54 11.98 37.84
C ASP B 58 6.40 13.15 36.82
C ASP B 58 6.13 13.03 36.81
N LEU B 59 6.51 12.81 35.54
CA LEU B 59 6.36 13.82 34.46
C LEU B 59 4.86 14.04 34.29
N LEU B 60 4.05 13.01 34.48
CA LEU B 60 2.58 13.09 34.25
C LEU B 60 1.91 13.80 35.44
N ILE B 61 2.38 13.59 36.67
CA ILE B 61 1.87 14.30 37.88
C ILE B 61 1.90 15.82 37.65
N ARG B 62 2.96 16.33 37.04
CA ARG B 62 3.19 17.78 36.84
C ARG B 62 2.31 18.29 35.69
N LYS B 63 1.69 17.42 34.91
CA LYS B 63 0.83 17.84 33.78
C LYS B 63 -0.61 18.00 34.24
N SER B 64 -1.32 18.97 33.69
N SER B 64 -1.30 19.01 33.70
CA SER B 64 -2.79 19.12 33.85
CA SER B 64 -2.76 19.23 33.83
C SER B 64 -3.46 19.07 32.48
C SER B 64 -3.46 19.05 32.47
N ASN B 65 -4.78 18.94 32.48
CA ASN B 65 -5.56 18.93 31.22
C ASN B 65 -5.17 20.13 30.34
N HIS B 66 -4.96 21.32 30.90
CA HIS B 66 -4.71 22.55 30.11
C HIS B 66 -3.29 22.59 29.50
N ASN B 67 -2.41 21.61 29.77
CA ASN B 67 -1.04 21.53 29.18
C ASN B 67 -1.07 20.74 27.86
N PHE B 68 -2.23 20.17 27.50
CA PHE B 68 -2.32 19.35 26.26
C PHE B 68 -3.11 20.10 25.19
N LEU B 69 -2.51 20.28 24.01
CA LEU B 69 -3.14 20.88 22.84
C LEU B 69 -3.49 19.76 21.86
N VAL B 70 -4.77 19.47 21.75
CA VAL B 70 -5.27 18.41 20.83
C VAL B 70 -6.01 19.13 19.69
N GLN B 71 -5.66 18.86 18.44
CA GLN B 71 -6.20 19.57 17.30
C GLN B 71 -6.59 18.58 16.21
N ALA B 72 -7.79 18.80 15.67
CA ALA B 72 -8.31 18.16 14.45
C ALA B 72 -8.06 19.21 13.37
N GLY B 73 -7.03 19.02 12.55
CA GLY B 73 -6.53 20.17 11.77
C GLY B 73 -6.15 21.31 12.68
N ASN B 74 -6.72 22.48 12.49
CA ASN B 74 -6.46 23.68 13.34
C ASN B 74 -7.54 23.83 14.41
N VAL B 75 -8.48 22.86 14.52
CA VAL B 75 -9.57 22.98 15.50
C VAL B 75 -9.17 22.33 16.81
N GLN B 76 -9.12 23.10 17.87
CA GLN B 76 -8.75 22.56 19.17
C GLN B 76 -9.91 21.78 19.77
N LEU B 77 -9.59 20.59 20.32
CA LEU B 77 -10.52 19.81 21.15
C LEU B 77 -10.06 19.96 22.59
N ARG B 78 -10.91 20.52 23.46
N ARG B 78 -10.95 20.46 23.45
CA ARG B 78 -10.51 20.74 24.87
CA ARG B 78 -10.73 20.68 24.90
C ARG B 78 -10.37 19.39 25.56
C ARG B 78 -10.40 19.35 25.60
N VAL B 79 -9.25 19.27 26.24
CA VAL B 79 -8.94 18.09 27.10
C VAL B 79 -9.65 18.24 28.44
N ILE B 80 -10.38 17.20 28.83
CA ILE B 80 -11.13 17.21 30.14
C ILE B 80 -10.70 16.07 31.05
N GLY B 81 -9.74 15.23 30.66
CA GLY B 81 -9.20 14.22 31.56
C GLY B 81 -7.96 13.62 30.95
N HIS B 82 -7.05 13.09 31.73
CA HIS B 82 -5.81 12.45 31.21
C HIS B 82 -5.46 11.29 32.10
N SER B 83 -4.92 10.26 31.49
CA SER B 83 -4.39 9.10 32.25
C SER B 83 -3.40 8.39 31.35
N MET B 84 -2.58 7.58 31.96
CA MET B 84 -1.56 6.81 31.25
C MET B 84 -1.89 5.33 31.42
N GLN B 85 -1.84 4.58 30.34
CA GLN B 85 -2.03 3.10 30.35
C GLN B 85 -0.78 2.54 29.66
N ASN B 86 0.14 1.95 30.43
CA ASN B 86 1.41 1.43 29.90
C ASN B 86 2.09 2.59 29.19
N CYS B 87 2.44 2.47 27.90
CA CYS B 87 3.18 3.53 27.19
C CYS B 87 2.27 4.46 26.36
N VAL B 88 0.98 4.44 26.60
CA VAL B 88 0.01 5.29 25.88
C VAL B 88 -0.61 6.28 26.86
N LEU B 89 -0.76 7.49 26.40
CA LEU B 89 -1.56 8.53 27.07
C LEU B 89 -2.99 8.50 26.52
N LYS B 90 -4.00 8.59 27.38
CA LYS B 90 -5.39 8.69 27.00
C LYS B 90 -5.90 10.05 27.45
N LEU B 91 -6.30 10.87 26.50
CA LEU B 91 -6.81 12.23 26.77
C LEU B 91 -8.28 12.21 26.50
N LYS B 92 -9.09 12.39 27.55
CA LYS B 92 -10.54 12.53 27.34
C LYS B 92 -10.79 13.94 26.81
N VAL B 93 -11.58 14.06 25.76
CA VAL B 93 -11.90 15.37 25.16
C VAL B 93 -13.40 15.62 25.26
N ASP B 94 -13.79 16.85 25.09
CA ASP B 94 -15.23 17.12 25.30
C ASP B 94 -16.06 16.89 24.03
N THR B 95 -15.48 16.35 22.96
CA THR B 95 -16.23 16.11 21.70
C THR B 95 -16.07 14.65 21.28
N ALA B 96 -17.16 13.95 21.07
CA ALA B 96 -17.13 12.58 20.53
C ALA B 96 -16.86 12.69 19.04
N ASN B 97 -15.89 11.93 18.49
CA ASN B 97 -15.57 12.00 17.06
C ASN B 97 -16.73 11.47 16.24
N PRO B 98 -17.40 12.29 15.41
CA PRO B 98 -18.51 11.79 14.62
C PRO B 98 -18.08 10.80 13.53
N LYS B 99 -16.78 10.76 13.24
CA LYS B 99 -16.29 9.80 12.22
C LYS B 99 -15.80 8.51 12.88
N THR B 100 -16.04 8.31 14.17
CA THR B 100 -15.54 7.08 14.83
C THR B 100 -16.12 5.88 14.10
N PRO B 101 -15.30 4.95 13.60
CA PRO B 101 -15.82 3.71 13.02
C PRO B 101 -16.12 2.70 14.11
N LYS B 102 -16.80 1.61 13.73
CA LYS B 102 -16.78 0.43 14.59
C LYS B 102 -15.31 -0.02 14.71
N TYR B 103 -14.82 -0.28 15.90
CA TYR B 103 -13.41 -0.63 16.11
C TYR B 103 -13.23 -1.61 17.26
N LYS B 104 -12.04 -2.18 17.26
CA LYS B 104 -11.49 -3.00 18.32
C LYS B 104 -10.03 -2.67 18.46
N PHE B 105 -9.46 -2.91 19.60
CA PHE B 105 -8.03 -2.91 19.86
C PHE B 105 -7.55 -4.38 19.97
N VAL B 106 -6.58 -4.74 19.15
CA VAL B 106 -6.09 -6.13 19.14
C VAL B 106 -4.58 -6.11 19.26
N ARG B 107 -4.03 -7.20 19.79
CA ARG B 107 -2.59 -7.41 19.88
C ARG B 107 -2.29 -8.50 18.88
N ILE B 108 -1.52 -8.18 17.86
CA ILE B 108 -1.21 -9.16 16.80
C ILE B 108 -0.04 -10.02 17.23
N GLN B 109 0.12 -11.11 16.49
CA GLN B 109 1.29 -12.02 16.57
C GLN B 109 2.31 -11.68 15.49
N PRO B 110 3.58 -12.09 15.67
CA PRO B 110 4.54 -12.08 14.59
C PRO B 110 4.01 -12.80 13.35
N GLY B 111 4.31 -12.26 12.17
CA GLY B 111 3.80 -12.78 10.89
C GLY B 111 2.56 -12.07 10.43
N GLN B 112 1.76 -11.52 11.35
CA GLN B 112 0.50 -10.88 10.92
C GLN B 112 0.88 -9.56 10.23
N THR B 113 0.09 -9.21 9.23
CA THR B 113 0.29 -7.99 8.45
C THR B 113 -0.82 -7.01 8.84
N PHE B 114 -0.55 -5.77 8.51
CA PHE B 114 -1.47 -4.66 8.86
C PHE B 114 -1.09 -3.50 7.97
N SER B 115 -2.03 -2.60 7.81
CA SER B 115 -1.80 -1.34 7.09
C SER B 115 -1.33 -0.29 8.06
N VAL B 116 -0.35 0.49 7.64
CA VAL B 116 0.11 1.68 8.40
C VAL B 116 -0.38 2.90 7.69
N LEU B 117 -0.99 3.84 8.40
CA LEU B 117 -1.30 5.16 7.87
C LEU B 117 -0.25 6.10 8.41
N ALA B 118 0.79 6.39 7.64
CA ALA B 118 1.85 7.30 8.11
C ALA B 118 1.31 8.72 8.15
N CYS B 119 1.35 9.38 9.30
N CYS B 119 1.53 9.40 9.26
CA CYS B 119 0.88 10.77 9.44
CA CYS B 119 0.87 10.67 9.58
C CYS B 119 1.97 11.64 10.05
C CYS B 119 1.92 11.63 10.14
N TYR B 120 1.84 12.92 9.76
CA TYR B 120 2.76 13.98 10.27
C TYR B 120 1.85 15.12 10.70
N ASN B 121 1.98 15.55 11.97
CA ASN B 121 1.19 16.69 12.50
C ASN B 121 -0.30 16.43 12.25
N GLY B 122 -0.74 15.19 12.46
CA GLY B 122 -2.16 14.81 12.39
C GLY B 122 -2.67 14.64 10.97
N SER B 123 -1.80 14.83 9.97
CA SER B 123 -2.19 14.81 8.54
C SER B 123 -1.64 13.55 7.86
N PRO B 124 -2.57 12.69 7.37
CA PRO B 124 -2.15 11.46 6.73
C PRO B 124 -1.34 11.76 5.48
N SER B 125 -0.20 11.11 5.31
N SER B 125 -0.25 11.01 5.30
CA SER B 125 0.67 11.23 4.11
CA SER B 125 0.78 11.20 4.24
C SER B 125 0.54 10.00 3.22
C SER B 125 0.85 9.98 3.29
N GLY B 126 0.56 8.78 3.76
CA GLY B 126 0.59 7.60 2.90
C GLY B 126 0.19 6.36 3.63
N VAL B 127 -0.08 5.30 2.89
CA VAL B 127 -0.59 4.05 3.47
C VAL B 127 0.19 2.92 2.84
N TYR B 128 0.63 1.98 3.64
CA TYR B 128 1.35 0.81 3.09
C TYR B 128 1.11 -0.39 4.01
N GLN B 129 1.41 -1.56 3.52
CA GLN B 129 1.22 -2.81 4.24
C GLN B 129 2.55 -3.16 4.89
N CYS B 130 2.48 -3.83 6.02
N CYS B 130 2.55 -3.53 6.19
CA CYS B 130 3.72 -4.43 6.53
CA CYS B 130 3.73 -3.98 6.98
C CYS B 130 3.43 -5.50 7.54
C CYS B 130 3.45 -5.42 7.48
N ALA B 131 4.49 -6.21 7.83
CA ALA B 131 4.38 -7.46 8.58
C ALA B 131 5.11 -7.24 9.90
N MET B 132 4.52 -7.68 10.98
CA MET B 132 5.26 -7.76 12.24
C MET B 132 6.32 -8.87 12.10
N ARG B 133 7.59 -8.51 12.23
CA ARG B 133 8.68 -9.54 12.16
C ARG B 133 8.67 -10.39 13.43
N PRO B 134 9.27 -11.60 13.40
CA PRO B 134 9.45 -12.41 14.60
C PRO B 134 10.27 -11.75 15.73
N ASN B 135 11.12 -10.81 15.38
CA ASN B 135 11.91 -10.04 16.40
C ASN B 135 11.12 -8.78 16.87
N PHE B 136 9.84 -8.71 16.52
CA PHE B 136 8.89 -7.67 17.00
C PHE B 136 9.27 -6.29 16.48
N THR B 137 9.88 -6.16 15.33
CA THR B 137 10.11 -4.91 14.60
C THR B 137 9.24 -4.89 13.36
N ILE B 138 9.06 -3.72 12.75
CA ILE B 138 8.42 -3.62 11.41
C ILE B 138 9.38 -2.89 10.51
N LYS B 139 9.42 -3.32 9.25
CA LYS B 139 10.17 -2.63 8.18
C LYS B 139 9.23 -1.58 7.64
N GLY B 140 9.12 -0.47 8.37
CA GLY B 140 8.27 0.68 8.06
C GLY B 140 9.01 1.71 7.24
N SER B 141 8.32 2.77 6.89
CA SER B 141 8.82 4.05 6.34
C SER B 141 8.26 5.14 7.23
N PHE B 142 9.09 5.61 8.14
CA PHE B 142 8.70 6.56 9.21
C PHE B 142 9.81 7.59 9.34
N LEU B 143 9.42 8.84 9.32
CA LEU B 143 10.33 9.97 9.53
C LEU B 143 10.01 10.58 10.89
N ASN B 144 10.87 11.48 11.33
CA ASN B 144 10.60 12.27 12.54
C ASN B 144 9.22 12.91 12.37
N GLY B 145 8.37 12.82 13.41
CA GLY B 145 7.02 13.37 13.37
C GLY B 145 5.97 12.28 13.16
N SER B 146 6.39 11.05 12.85
CA SER B 146 5.44 9.95 12.56
C SER B 146 4.92 9.28 13.83
N CYS B 147 5.46 9.57 15.01
CA CYS B 147 5.04 8.87 16.23
C CYS B 147 3.55 9.08 16.45
N GLY B 148 2.88 8.02 16.88
CA GLY B 148 1.43 8.02 17.04
C GLY B 148 0.66 7.54 15.82
N SER B 149 1.31 7.48 14.64
CA SER B 149 0.71 6.80 13.48
C SER B 149 0.33 5.39 13.91
N VAL B 150 -0.74 4.89 13.29
CA VAL B 150 -1.28 3.57 13.70
C VAL B 150 -1.30 2.58 12.56
N GLY B 151 -1.31 1.35 12.99
CA GLY B 151 -1.50 0.19 12.10
C GLY B 151 -2.78 -0.50 12.40
N PHE B 152 -3.42 -1.06 11.37
CA PHE B 152 -4.79 -1.57 11.48
C PHE B 152 -5.05 -2.62 10.40
N ASN B 153 -6.09 -3.39 10.68
CA ASN B 153 -6.78 -4.26 9.69
C ASN B 153 -8.26 -3.91 9.68
N ILE B 154 -8.95 -4.15 8.57
CA ILE B 154 -10.42 -3.93 8.49
C ILE B 154 -11.09 -5.24 8.13
N ASP B 155 -12.08 -5.61 8.91
CA ASP B 155 -12.95 -6.78 8.66
C ASP B 155 -14.39 -6.28 8.71
N TYR B 156 -15.10 -6.28 7.59
CA TYR B 156 -16.52 -5.89 7.54
C TYR B 156 -16.78 -4.54 8.23
N ASP B 157 -16.19 -3.47 7.74
CA ASP B 157 -16.40 -2.12 8.35
C ASP B 157 -15.94 -2.00 9.81
N CYS B 158 -15.42 -3.04 10.43
CA CYS B 158 -14.81 -2.91 11.79
C CYS B 158 -13.30 -2.77 11.67
N VAL B 159 -12.76 -1.69 12.22
CA VAL B 159 -11.31 -1.41 12.18
C VAL B 159 -10.68 -2.02 13.43
N SER B 160 -9.78 -2.96 13.26
CA SER B 160 -8.98 -3.52 14.36
C SER B 160 -7.62 -2.84 14.43
N PHE B 161 -7.46 -1.94 15.39
CA PHE B 161 -6.20 -1.22 15.56
C PHE B 161 -5.21 -2.11 16.30
N CYS B 162 -4.02 -2.27 15.77
CA CYS B 162 -3.03 -3.20 16.34
C CYS B 162 -1.69 -2.59 16.63
N TYR B 163 -1.37 -1.39 16.16
CA TYR B 163 -0.01 -0.84 16.29
C TYR B 163 -0.11 0.67 16.46
N MET B 164 0.74 1.21 17.32
CA MET B 164 0.99 2.66 17.37
C MET B 164 2.49 2.89 17.40
N HIS B 165 2.95 3.77 16.54
CA HIS B 165 4.37 3.89 16.27
C HIS B 165 5.08 4.70 17.37
N HIS B 166 6.20 4.22 17.88
CA HIS B 166 7.02 4.93 18.90
C HIS B 166 8.47 5.19 18.50
N MET B 167 9.21 4.27 17.87
N MET B 167 9.13 4.36 17.69
CA MET B 167 10.69 4.50 17.79
CA MET B 167 10.60 4.51 17.61
C MET B 167 11.34 3.75 16.64
C MET B 167 11.25 3.87 16.38
N GLU B 168 12.47 4.31 16.15
CA GLU B 168 13.32 3.77 15.07
C GLU B 168 14.54 3.17 15.77
N LEU B 169 14.85 1.93 15.47
CA LEU B 169 16.03 1.24 16.03
C LEU B 169 17.25 1.53 15.17
N PRO B 170 18.48 1.31 15.70
CA PRO B 170 19.70 1.62 14.97
C PRO B 170 19.78 1.07 13.54
N THR B 171 19.16 -0.08 13.23
CA THR B 171 19.20 -0.74 11.90
C THR B 171 18.16 -0.14 10.94
N GLY B 172 17.33 0.80 11.39
CA GLY B 172 16.38 1.49 10.51
C GLY B 172 15.00 0.84 10.54
N VAL B 173 14.85 -0.23 11.32
CA VAL B 173 13.53 -0.86 11.61
C VAL B 173 12.84 -0.14 12.77
N HIS B 174 11.54 -0.40 12.89
CA HIS B 174 10.63 0.39 13.74
C HIS B 174 10.04 -0.46 14.84
N ALA B 175 9.67 0.17 15.96
CA ALA B 175 9.07 -0.50 17.11
C ALA B 175 7.97 0.38 17.69
N GLY B 176 7.02 -0.30 18.27
CA GLY B 176 5.85 0.38 18.85
C GLY B 176 5.02 -0.52 19.70
N THR B 177 3.81 -0.04 20.01
CA THR B 177 2.95 -0.70 20.99
C THR B 177 1.62 -1.11 20.37
N ASP B 178 0.84 -1.88 21.10
CA ASP B 178 -0.59 -2.03 20.78
C ASP B 178 -1.32 -0.77 21.30
N LEU B 179 -2.63 -0.72 21.18
CA LEU B 179 -3.37 0.49 21.58
C LEU B 179 -3.69 0.45 23.07
N GLU B 180 -3.25 -0.59 23.77
CA GLU B 180 -3.19 -0.59 25.24
C GLU B 180 -1.82 -0.15 25.73
N GLY B 181 -0.92 0.31 24.87
CA GLY B 181 0.39 0.81 25.23
C GLY B 181 1.42 -0.23 25.62
N ASN B 182 1.19 -1.51 25.28
CA ASN B 182 2.20 -2.56 25.57
C ASN B 182 3.11 -2.70 24.35
N PHE B 183 4.41 -2.46 24.49
CA PHE B 183 5.36 -2.65 23.37
C PHE B 183 5.24 -4.08 22.84
N TYR B 184 5.29 -4.19 21.53
CA TYR B 184 5.70 -5.46 20.87
C TYR B 184 7.20 -5.60 21.09
N GLY B 185 7.65 -6.74 21.59
CA GLY B 185 9.10 -6.97 21.79
C GLY B 185 9.61 -6.40 23.10
N PRO B 186 10.94 -6.50 23.30
CA PRO B 186 11.52 -6.14 24.60
C PRO B 186 11.83 -4.63 24.70
N PHE B 187 11.24 -3.81 23.84
CA PHE B 187 11.64 -2.39 23.71
C PHE B 187 10.98 -1.55 24.81
N VAL B 188 11.66 -0.44 25.13
CA VAL B 188 11.19 0.54 26.14
C VAL B 188 11.24 1.93 25.50
N ASP B 189 10.32 2.82 25.92
CA ASP B 189 10.28 4.21 25.39
C ASP B 189 11.25 5.12 26.16
N ARG B 190 12.54 4.91 25.97
CA ARG B 190 13.64 5.81 26.42
C ARG B 190 14.70 5.80 25.31
N GLN B 191 15.34 6.95 25.11
CA GLN B 191 16.35 7.13 24.03
C GLN B 191 17.67 6.52 24.48
N THR B 192 17.65 5.19 24.67
CA THR B 192 18.79 4.36 25.17
C THR B 192 19.29 3.33 24.16
N ALA B 193 20.14 2.39 24.59
CA ALA B 193 20.73 1.38 23.66
C ALA B 193 19.84 0.16 23.56
N GLN B 194 19.21 -0.02 22.40
CA GLN B 194 18.30 -1.17 22.22
C GLN B 194 18.52 -1.69 20.81
N ALA B 195 18.64 -3.00 20.71
CA ALA B 195 18.88 -3.57 19.39
C ALA B 195 17.84 -4.66 19.20
N ALA B 196 17.31 -4.76 18.01
CA ALA B 196 16.40 -5.90 17.83
C ALA B 196 17.27 -7.14 17.70
N GLY B 197 16.82 -8.24 18.31
CA GLY B 197 17.45 -9.57 18.25
C GLY B 197 17.31 -10.14 16.84
N THR B 198 18.13 -11.12 16.48
CA THR B 198 18.16 -11.62 15.08
C THR B 198 16.78 -12.06 14.60
N ASP B 199 16.47 -11.68 13.38
CA ASP B 199 15.14 -11.99 12.83
C ASP B 199 15.19 -13.37 12.18
N THR B 200 14.02 -13.90 11.95
CA THR B 200 13.81 -15.20 11.27
C THR B 200 12.77 -15.00 10.17
N THR B 201 12.66 -15.99 9.32
CA THR B 201 11.69 -15.99 8.22
C THR B 201 10.35 -16.50 8.73
N ILE B 202 9.28 -15.87 8.26
CA ILE B 202 7.92 -16.16 8.75
C ILE B 202 7.37 -17.35 7.95
N THR B 203 7.58 -18.52 8.49
CA THR B 203 7.28 -19.81 7.85
C THR B 203 5.84 -19.88 7.41
N VAL B 204 4.90 -19.53 8.26
CA VAL B 204 3.46 -19.66 7.90
C VAL B 204 3.14 -18.82 6.64
N ASN B 205 3.81 -17.67 6.49
CA ASN B 205 3.56 -16.79 5.35
C ASN B 205 4.24 -17.36 4.12
N VAL B 206 5.42 -17.94 4.26
CA VAL B 206 6.04 -18.63 3.10
C VAL B 206 5.10 -19.74 2.63
N LEU B 207 4.52 -20.49 3.52
CA LEU B 207 3.61 -21.58 3.09
C LEU B 207 2.41 -20.97 2.43
N ALA B 208 1.87 -19.86 2.92
CA ALA B 208 0.71 -19.21 2.26
C ALA B 208 1.11 -18.84 0.82
N TRP B 209 2.29 -18.34 0.65
CA TRP B 209 2.80 -17.90 -0.67
C TRP B 209 2.94 -19.11 -1.59
N LEU B 210 3.42 -20.23 -1.09
CA LEU B 210 3.49 -21.50 -1.88
C LEU B 210 2.07 -21.90 -2.28
N TYR B 211 1.10 -21.85 -1.39
CA TYR B 211 -0.31 -22.12 -1.77
C TYR B 211 -0.73 -21.16 -2.86
N ALA B 212 -0.41 -19.87 -2.76
CA ALA B 212 -0.80 -18.88 -3.80
C ALA B 212 -0.21 -19.34 -5.14
N ALA B 213 1.04 -19.77 -5.14
CA ALA B 213 1.74 -20.22 -6.36
C ALA B 213 0.97 -21.42 -6.93
N VAL B 214 0.61 -22.40 -6.12
CA VAL B 214 -0.18 -23.57 -6.60
C VAL B 214 -1.51 -23.09 -7.16
N ILE B 215 -2.23 -22.20 -6.51
CA ILE B 215 -3.55 -21.71 -6.99
C ILE B 215 -3.37 -21.17 -8.41
N ASN B 216 -2.25 -20.54 -8.68
CA ASN B 216 -1.93 -19.88 -9.97
C ASN B 216 -1.23 -20.83 -10.94
N GLY B 217 -1.11 -22.14 -10.66
CA GLY B 217 -0.64 -23.16 -11.61
C GLY B 217 0.87 -23.35 -11.55
N ASP B 218 1.52 -22.77 -10.58
CA ASP B 218 2.99 -22.85 -10.46
C ASP B 218 3.29 -23.86 -9.36
N ARG B 219 3.54 -25.11 -9.70
CA ARG B 219 3.47 -26.18 -8.68
C ARG B 219 4.60 -27.22 -8.81
N TRP B 220 5.73 -26.86 -9.45
CA TRP B 220 6.85 -27.81 -9.72
C TRP B 220 7.47 -28.32 -8.42
N PHE B 221 7.30 -27.57 -7.32
CA PHE B 221 7.98 -27.80 -6.02
C PHE B 221 7.19 -28.81 -5.18
N LEU B 222 5.98 -29.20 -5.59
CA LEU B 222 5.18 -30.20 -4.83
C LEU B 222 5.87 -31.58 -4.91
N ASN B 223 6.03 -32.28 -3.79
CA ASN B 223 6.75 -33.58 -3.78
C ASN B 223 5.82 -34.70 -3.29
N ARG B 224 6.35 -35.93 -3.21
CA ARG B 224 5.58 -37.17 -2.88
C ARG B 224 5.58 -37.37 -1.36
N PHE B 225 6.28 -36.50 -0.61
CA PHE B 225 6.64 -36.70 0.81
C PHE B 225 5.68 -35.93 1.73
N THR B 226 5.71 -36.31 3.00
CA THR B 226 5.11 -35.54 4.11
C THR B 226 6.11 -35.51 5.26
N THR B 227 5.74 -34.82 6.32
CA THR B 227 6.55 -34.68 7.54
C THR B 227 5.59 -34.58 8.71
N THR B 228 6.10 -34.81 9.91
CA THR B 228 5.40 -34.41 11.14
C THR B 228 5.70 -32.94 11.36
N LEU B 229 4.83 -32.29 12.13
CA LEU B 229 5.01 -30.89 12.50
C LEU B 229 6.28 -30.71 13.34
N ASN B 230 6.55 -31.63 14.23
CA ASN B 230 7.75 -31.53 15.09
C ASN B 230 9.01 -31.67 14.24
N ASP B 231 9.09 -32.68 13.35
CA ASP B 231 10.30 -32.85 12.53
C ASP B 231 10.48 -31.58 11.68
N PHE B 232 9.37 -31.09 11.10
CA PHE B 232 9.49 -29.86 10.28
C PHE B 232 10.03 -28.67 11.11
N ASN B 233 9.46 -28.49 12.29
CA ASN B 233 9.91 -27.34 13.11
C ASN B 233 11.39 -27.43 13.48
N LEU B 234 11.87 -28.62 13.79
CA LEU B 234 13.32 -28.77 14.11
C LEU B 234 14.17 -28.45 12.88
N VAL B 235 13.75 -28.89 11.69
CA VAL B 235 14.52 -28.58 10.46
C VAL B 235 14.42 -27.08 10.15
N ALA B 236 13.22 -26.51 10.23
CA ALA B 236 13.02 -25.08 9.89
C ALA B 236 13.97 -24.20 10.71
N MET B 237 14.15 -24.50 11.99
CA MET B 237 14.97 -23.65 12.88
C MET B 237 16.44 -23.65 12.40
N LYS B 238 16.90 -24.72 11.71
CA LYS B 238 18.32 -24.79 11.23
C LYS B 238 18.52 -23.82 10.06
N TYR B 239 17.43 -23.44 9.38
CA TYR B 239 17.46 -22.50 8.23
C TYR B 239 16.96 -21.11 8.65
N ASN B 240 16.89 -20.82 9.96
CA ASN B 240 16.47 -19.50 10.45
C ASN B 240 15.01 -19.23 10.07
N TYR B 241 14.21 -20.28 10.00
CA TYR B 241 12.74 -20.19 9.79
C TYR B 241 12.08 -20.34 11.16
N GLU B 242 10.99 -19.62 11.36
CA GLU B 242 10.18 -19.74 12.59
C GLU B 242 9.53 -21.10 12.66
N PRO B 243 9.38 -21.71 13.85
CA PRO B 243 8.57 -22.92 13.94
C PRO B 243 7.09 -22.54 13.72
N LEU B 244 6.36 -23.53 13.29
CA LEU B 244 4.90 -23.44 13.18
C LEU B 244 4.22 -23.71 14.51
N THR B 245 3.18 -22.96 14.79
CA THR B 245 2.25 -23.19 15.91
C THR B 245 1.01 -23.94 15.41
N GLN B 246 0.21 -24.45 16.33
CA GLN B 246 -1.11 -25.01 15.97
C GLN B 246 -1.97 -23.94 15.32
N ASP B 247 -1.91 -22.67 15.70
CA ASP B 247 -2.72 -21.59 15.10
C ASP B 247 -2.30 -21.43 13.64
N HIS B 248 -1.01 -21.53 13.33
CA HIS B 248 -0.51 -21.42 11.93
C HIS B 248 -1.07 -22.56 11.12
N VAL B 249 -1.09 -23.76 11.66
CA VAL B 249 -1.63 -24.90 10.89
C VAL B 249 -3.10 -24.64 10.62
N ASP B 250 -3.84 -24.13 11.59
CA ASP B 250 -5.29 -23.84 11.41
C ASP B 250 -5.54 -22.71 10.40
N ILE B 251 -4.75 -21.65 10.35
CA ILE B 251 -5.03 -20.51 9.45
C ILE B 251 -4.66 -20.91 8.01
N LEU B 252 -3.85 -21.95 7.83
CA LEU B 252 -3.60 -22.52 6.48
C LEU B 252 -4.71 -23.47 6.04
N GLY B 253 -5.68 -23.78 6.88
CA GLY B 253 -6.76 -24.68 6.50
C GLY B 253 -7.49 -24.33 5.20
N PRO B 254 -7.98 -23.09 5.04
CA PRO B 254 -8.73 -22.72 3.84
C PRO B 254 -7.89 -22.94 2.57
N LEU B 255 -6.61 -22.57 2.58
CA LEU B 255 -5.79 -22.71 1.37
C LEU B 255 -5.52 -24.19 1.12
N SER B 256 -5.30 -24.96 2.17
CA SER B 256 -5.13 -26.42 2.06
C SER B 256 -6.39 -27.06 1.43
N ALA B 257 -7.57 -26.63 1.86
CA ALA B 257 -8.84 -27.19 1.32
C ALA B 257 -8.98 -26.78 -0.15
N GLN B 258 -8.64 -25.55 -0.47
CA GLN B 258 -8.82 -24.99 -1.84
C GLN B 258 -7.93 -25.75 -2.82
N THR B 259 -6.72 -26.09 -2.42
CA THR B 259 -5.71 -26.70 -3.31
C THR B 259 -5.74 -28.21 -3.18
N GLY B 260 -6.28 -28.77 -2.12
CA GLY B 260 -6.21 -30.22 -1.92
C GLY B 260 -4.88 -30.69 -1.43
N ILE B 261 -3.96 -29.77 -1.07
N ILE B 261 -4.05 -29.79 -0.95
CA ILE B 261 -2.56 -30.03 -0.59
CA ILE B 261 -2.67 -30.10 -0.49
C ILE B 261 -2.54 -29.93 0.97
C ILE B 261 -2.62 -29.93 1.02
N ALA B 262 -2.42 -31.06 1.68
CA ALA B 262 -2.35 -31.07 3.14
C ALA B 262 -1.22 -30.12 3.60
N VAL B 263 -1.45 -29.47 4.74
CA VAL B 263 -0.46 -28.50 5.32
C VAL B 263 0.90 -29.20 5.50
N LEU B 264 0.92 -30.41 6.06
CA LEU B 264 2.22 -31.09 6.32
C LEU B 264 2.86 -31.59 5.02
N ASP B 265 2.08 -31.81 3.95
CA ASP B 265 2.68 -32.08 2.61
C ASP B 265 3.32 -30.82 2.06
N MET B 266 2.68 -29.65 2.23
CA MET B 266 3.33 -28.39 1.80
C MET B 266 4.61 -28.15 2.63
N CYS B 267 4.55 -28.44 3.93
CA CYS B 267 5.74 -28.35 4.81
C CYS B 267 6.90 -29.19 4.24
N ALA B 268 6.61 -30.43 3.80
CA ALA B 268 7.63 -31.34 3.24
C ALA B 268 8.16 -30.70 1.95
N SER B 269 7.31 -30.06 1.15
CA SER B 269 7.73 -29.31 -0.07
C SER B 269 8.68 -28.17 0.29
N LEU B 270 8.34 -27.36 1.29
CA LEU B 270 9.18 -26.23 1.70
C LEU B 270 10.51 -26.77 2.25
N LYS B 271 10.46 -27.83 3.02
CA LYS B 271 11.70 -28.45 3.58
C LYS B 271 12.62 -28.80 2.42
N GLU B 272 12.12 -29.43 1.35
CA GLU B 272 13.01 -29.74 0.18
C GLU B 272 13.59 -28.45 -0.42
N LEU B 273 12.81 -27.40 -0.64
CA LEU B 273 13.30 -26.10 -1.13
C LEU B 273 14.44 -25.57 -0.24
N LEU B 274 14.33 -25.74 1.09
CA LEU B 274 15.33 -25.19 2.05
C LEU B 274 16.62 -26.00 1.93
N GLN B 275 16.49 -27.34 1.86
CA GLN B 275 17.63 -28.28 1.76
C GLN B 275 18.31 -28.13 0.39
N ASN B 276 17.58 -27.87 -0.71
CA ASN B 276 18.12 -28.02 -2.10
C ASN B 276 18.20 -26.70 -2.85
N GLY B 277 17.58 -25.64 -2.35
CA GLY B 277 17.46 -24.37 -3.09
C GLY B 277 16.48 -24.54 -4.23
N MET B 278 16.33 -23.52 -5.07
CA MET B 278 15.31 -23.51 -6.17
C MET B 278 15.94 -23.88 -7.52
N ASN B 279 17.28 -23.85 -7.59
CA ASN B 279 18.13 -24.28 -8.74
C ASN B 279 17.84 -23.46 -9.99
N GLY B 280 17.82 -22.14 -9.88
CA GLY B 280 17.54 -21.33 -11.08
C GLY B 280 16.08 -20.98 -11.19
N ARG B 281 15.21 -21.99 -11.10
CA ARG B 281 13.73 -22.01 -11.17
C ARG B 281 13.14 -20.94 -10.25
N THR B 282 12.05 -20.31 -10.68
CA THR B 282 11.37 -19.31 -9.84
C THR B 282 10.01 -19.87 -9.42
N ILE B 283 9.41 -19.18 -8.49
CA ILE B 283 8.04 -19.44 -7.95
C ILE B 283 7.36 -18.09 -8.03
N LEU B 284 6.26 -18.00 -8.78
CA LEU B 284 5.54 -16.72 -8.98
C LEU B 284 6.51 -15.65 -9.51
N GLY B 285 7.45 -16.04 -10.36
CA GLY B 285 8.41 -15.12 -11.02
C GLY B 285 9.32 -14.43 -10.01
N SER B 286 9.53 -15.05 -8.85
CA SER B 286 10.52 -14.61 -7.82
C SER B 286 11.50 -15.74 -7.61
N ALA B 287 12.78 -15.42 -7.50
CA ALA B 287 13.82 -16.39 -7.11
C ALA B 287 13.83 -16.51 -5.57
N LEU B 288 13.20 -15.56 -4.89
CA LEU B 288 13.15 -15.41 -3.40
C LEU B 288 11.81 -15.92 -2.89
N LEU B 289 11.79 -16.62 -1.76
CA LEU B 289 10.51 -16.97 -1.08
C LEU B 289 9.99 -15.78 -0.28
N GLU B 290 8.78 -15.32 -0.55
CA GLU B 290 8.16 -14.14 0.08
C GLU B 290 7.54 -14.55 1.43
N ASP B 291 7.77 -13.75 2.48
CA ASP B 291 7.26 -14.09 3.82
C ASP B 291 6.41 -12.96 4.41
N GLU B 292 5.91 -12.00 3.63
CA GLU B 292 5.04 -10.93 4.20
C GLU B 292 3.62 -10.98 3.62
N PHE B 293 3.19 -12.09 3.03
CA PHE B 293 1.76 -12.27 2.71
C PHE B 293 1.20 -13.37 3.59
N THR B 294 0.21 -13.06 4.41
CA THR B 294 -0.46 -14.03 5.29
C THR B 294 -1.42 -14.87 4.47
N PRO B 295 -1.87 -16.00 5.04
CA PRO B 295 -2.94 -16.75 4.41
C PRO B 295 -4.17 -15.86 4.12
N PHE B 296 -4.50 -14.92 5.00
CA PHE B 296 -5.67 -14.01 4.77
C PHE B 296 -5.37 -13.14 3.55
N ASP B 297 -4.15 -12.64 3.45
CA ASP B 297 -3.72 -11.71 2.38
C ASP B 297 -3.81 -12.48 1.07
N VAL B 298 -3.43 -13.77 1.04
CA VAL B 298 -3.49 -14.59 -0.22
C VAL B 298 -4.95 -14.74 -0.65
N VAL B 299 -5.86 -15.00 0.29
CA VAL B 299 -7.33 -15.16 0.04
C VAL B 299 -7.98 -13.80 -0.30
N ARG B 300 -7.69 -12.77 0.48
CA ARG B 300 -8.14 -11.37 0.29
C ARG B 300 -7.86 -10.94 -1.15
N GLN B 301 -6.69 -11.33 -1.67
CA GLN B 301 -6.15 -10.82 -2.97
C GLN B 301 -6.67 -11.70 -4.12
N CYS B 302 -6.89 -13.00 -3.88
CA CYS B 302 -7.41 -13.96 -4.89
C CYS B 302 -8.95 -13.91 -4.94
N SER B 303 -9.62 -13.32 -3.92
CA SER B 303 -11.10 -13.22 -3.75
C SER B 303 -11.56 -11.75 -3.69
N GLY B 304 -12.86 -11.49 -3.52
CA GLY B 304 -13.45 -10.15 -3.78
C GLY B 304 -13.54 -9.22 -2.57
N VAL B 305 -13.00 -9.63 -1.42
CA VAL B 305 -13.27 -8.98 -0.11
C VAL B 305 -13.25 -7.45 -0.08
N THR B 306 -14.38 -6.87 0.29
CA THR B 306 -14.57 -5.41 0.50
C THR B 306 -14.95 -5.17 1.96
N PHE B 307 -14.86 -3.90 2.36
CA PHE B 307 -15.13 -3.41 3.75
C PHE B 307 -15.81 -2.04 3.64
C21 P6S C 1 -9.86 -9.49 -21.78
C22 P6S C 1 -9.81 -10.72 -22.66
C24 P6S C 1 -10.87 -12.13 -24.39
C26 P6S C 1 -8.76 -12.76 -23.40
C19 P6S C 1 -11.50 -8.09 -20.75
C23 P6S C 1 -10.87 -10.96 -23.57
C25 P6S C 1 -9.80 -13.03 -24.29
C27 P6S C 1 -8.78 -11.62 -22.59
O20 P6S C 1 -11.21 -9.04 -21.67
O28 P6S C 1 -10.68 -7.73 -19.92
N LEU C 2 -12.69 -7.66 -20.83
CA LEU C 2 -13.16 -6.57 -20.01
C LEU C 2 -13.47 -7.03 -18.61
N UZ4 C 3 -13.13 -6.23 -17.62
CA UZ4 C 3 -13.56 -6.45 -16.26
C21 UZ4 C 3 -12.36 -6.48 -15.33
C22 UZ4 C 3 -11.37 -7.57 -15.64
C23 UZ4 C 3 -11.92 -9.01 -15.35
C24 UZ4 C 3 -10.73 -9.78 -14.77
N25 UZ4 C 3 -9.85 -8.80 -14.25
C26 UZ4 C 3 -10.13 -7.55 -14.74
O27 UZ4 C 3 -9.44 -6.65 -14.43
C28 UZ4 C 3 -14.50 -5.29 -15.92
O29 UZ4 C 3 -15.45 -5.24 -17.03
C UZ4 C 3 -15.35 -5.71 -14.68
O UZ4 C 3 -14.84 -5.81 -13.56
N33 UZ1 C 4 -16.72 -5.96 -14.90
C34 UZ1 C 4 -17.63 -6.31 -13.81
C35 UZ1 C 4 -19.03 -6.97 -14.11
C36 UZ1 C 4 -17.94 -7.79 -13.48
C21 P6S D 1 16.15 6.93 17.23
C22 P6S D 1 16.05 8.29 16.44
C24 P6S D 1 15.55 10.70 16.30
C26 P6S D 1 16.39 9.57 14.35
C19 P6S D 1 14.11 6.99 18.65
C23 P6S D 1 15.61 9.50 17.04
C25 P6S D 1 15.95 10.75 14.95
C27 P6S D 1 16.44 8.39 15.09
O20 P6S D 1 15.52 6.94 18.60
O28 P6S D 1 13.51 6.59 17.69
N LEU D 2 13.51 7.51 19.79
CA LEU D 2 12.11 7.85 19.80
C LEU D 2 11.75 8.83 18.70
N UZ4 D 3 10.63 8.59 17.96
CA UZ4 D 3 10.08 9.51 16.97
C21 UZ4 D 3 9.96 8.77 15.56
C22 UZ4 D 3 11.29 8.24 15.02
C23 UZ4 D 3 12.23 9.39 14.68
C24 UZ4 D 3 12.90 9.00 13.37
N25 UZ4 D 3 12.04 7.99 12.81
C26 UZ4 D 3 11.13 7.48 13.70
O27 UZ4 D 3 10.39 6.58 13.48
C28 UZ4 D 3 8.66 9.93 17.50
O29 UZ4 D 3 8.91 10.40 18.82
C UZ4 D 3 8.22 11.18 16.77
O UZ4 D 3 7.95 11.10 15.58
N33 UZ1 D 4 8.16 12.38 17.44
C34 UZ1 D 4 7.69 13.58 16.88
C35 UZ1 D 4 7.89 14.91 17.64
C36 UZ1 D 4 8.66 14.63 16.34
C1 GOL E . -8.98 20.31 34.79
C1 GOL E . -9.14 20.48 34.74
O1 GOL E . -9.27 20.80 33.48
O1 GOL E . -9.32 20.81 33.37
C2 GOL E . -7.74 20.95 35.39
C2 GOL E . -8.00 21.24 35.38
O2 GOL E . -7.91 22.36 35.37
O2 GOL E . -8.21 22.64 35.23
C3 GOL E . -6.42 20.58 34.73
C3 GOL E . -6.63 20.87 34.84
O3 GOL E . -6.02 19.23 35.00
O3 GOL E . -6.28 21.67 33.72
C1 GOL F . -11.80 14.63 12.27
O1 GOL F . -12.06 13.85 11.13
C2 GOL F . -10.32 14.72 12.56
O2 GOL F . -9.85 13.44 12.93
C3 GOL F . -9.56 15.22 11.36
O3 GOL F . -9.66 14.26 10.31
C1 GOL G . 5.68 -3.62 -3.15
O1 GOL G . 5.69 -2.93 -1.90
C2 GOL G . 4.60 -4.69 -3.20
O2 GOL G . 3.66 -4.41 -4.24
C3 GOL G . 5.15 -6.09 -3.36
O3 GOL G . 4.27 -6.93 -4.11
NA NA H . 15.95 -21.72 -0.38
#